data_6O3L
#
_entry.id   6O3L
#
_cell.length_a   55.342
_cell.length_b   58.029
_cell.length_c   98.725
_cell.angle_alpha   87.94
_cell.angle_beta   76.09
_cell.angle_gamma   72.52
#
_symmetry.space_group_name_H-M   'P 1'
#
loop_
_entity.id
_entity.type
_entity.pdbx_description
1 polymer 'PGZL1.H4K3 light chain'
2 polymer 'PGZL1.H4K3 heavy chain'
3 polymer 'MPER peptide, region 671-683 of HIV-1 gp41'
4 non-polymer GLYCEROL
5 non-polymer 'PHOSPHATE ION'
6 water water
#
loop_
_entity_poly.entity_id
_entity_poly.type
_entity_poly.pdbx_seq_one_letter_code
_entity_poly.pdbx_strand_id
1 'polypeptide(L)'
;EIVLTQSPGTFALSPGERATLSCRASQSVSGGALAWYQQKAGQAPRLLIYGTSGRATGVPGRFSGSGSETDFSLTISRLE
PEDFAVYYCQQYGTSQSTFGQGTRLETRRTVAAPSVFIFPPSDEQLKSGTASVVCLLNNFYPREAKVQWKVDNALQSGNS
QESVTEQDSKDSTYSLSSTLTLSKADYEKHKVYACEVTHQGLSSPVTKSFNRGEC
;
L,B
2 'polypeptide(L)'
;KVQLVQSGAELKKPWSSVRVSCKASGGSFSSYAFNWVRQAPGQRLEWLGGIVPLVSSTNYAQRFRGRVTISADRSTSTVY
LEMTGLTSADTAVYFCAREGEGWFGRPLRAFEFWGQGTLVTVSTASTKGPSVFPLAPSSKSTSGGTAALGCLVKDYFPEP
VTVSWNSGALTSGVHTFPAVLQSSGLYSLSSVVTVPSSSLGTQTYICNVNHKPSNTKVDKKVEPKSC
;
H,A
3 'polypeptide(L)' NWFDITNWLWYIKKKK D,E
#
# COMPACT_ATOMS: atom_id res chain seq x y z
N GLU A 1 -20.42 15.88 37.70
CA GLU A 1 -19.34 15.46 36.80
C GLU A 1 -19.50 16.10 35.42
N ILE A 2 -18.41 16.62 34.86
CA ILE A 2 -18.47 17.27 33.55
C ILE A 2 -18.35 16.20 32.49
N VAL A 3 -19.41 16.04 31.70
CA VAL A 3 -19.44 15.06 30.62
C VAL A 3 -18.95 15.76 29.36
N LEU A 4 -17.97 15.16 28.70
CA LEU A 4 -17.42 15.66 27.43
C LEU A 4 -17.96 14.82 26.29
N THR A 5 -18.53 15.48 25.28
CA THR A 5 -19.12 14.80 24.14
C THR A 5 -18.35 15.19 22.88
N GLN A 6 -17.69 14.24 22.27
CA GLN A 6 -16.96 14.60 21.06
C GLN A 6 -17.83 14.35 19.83
N SER A 7 -17.62 15.17 18.80
CA SER A 7 -18.29 14.96 17.53
C SER A 7 -17.38 15.39 16.39
N PRO A 8 -17.51 14.75 15.22
CA PRO A 8 -18.37 13.58 15.01
C PRO A 8 -17.76 12.34 15.69
N GLY A 9 -18.46 11.21 15.72
CA GLY A 9 -17.85 9.97 16.17
C GLY A 9 -16.71 9.53 15.26
N THR A 10 -16.98 9.50 13.96
CA THR A 10 -15.99 9.15 12.93
C THR A 10 -16.05 10.19 11.83
N PHE A 11 -14.86 10.57 11.34
CA PHE A 11 -14.65 11.57 10.29
C PHE A 11 -13.93 10.87 9.14
N ALA A 12 -14.41 11.03 7.92
CA ALA A 12 -13.73 10.48 6.73
C ALA A 12 -13.18 11.65 5.91
N LEU A 13 -11.86 11.79 5.87
CA LEU A 13 -11.21 12.86 5.11
C LEU A 13 -10.03 12.31 4.34
N SER A 14 -9.30 13.20 3.68
CA SER A 14 -8.12 12.87 2.90
C SER A 14 -7.00 13.85 3.21
N PRO A 15 -5.74 13.40 3.11
CA PRO A 15 -4.61 14.32 3.25
C PRO A 15 -4.73 15.53 2.34
N GLY A 16 -4.37 16.69 2.88
CA GLY A 16 -4.57 17.95 2.21
C GLY A 16 -5.79 18.72 2.67
N GLU A 17 -6.78 18.03 3.25
CA GLU A 17 -7.99 18.67 3.75
C GLU A 17 -7.79 19.12 5.19
N ARG A 18 -8.59 20.11 5.61
CA ARG A 18 -8.64 20.55 7.00
C ARG A 18 -9.62 19.72 7.81
N ALA A 19 -9.24 19.35 9.03
CA ALA A 19 -10.12 18.65 9.95
C ALA A 19 -10.40 19.52 11.15
N THR A 20 -11.68 19.65 11.51
CA THR A 20 -12.06 20.33 12.75
C THR A 20 -12.83 19.35 13.62
N LEU A 21 -12.28 19.04 14.77
CA LEU A 21 -12.89 18.13 15.72
C LEU A 21 -13.45 18.94 16.88
N SER A 22 -14.58 18.50 17.41
CA SER A 22 -15.23 19.30 18.45
C SER A 22 -15.42 18.48 19.71
N CYS A 23 -15.51 19.21 20.82
CA CYS A 23 -15.59 18.63 22.16
C CYS A 23 -16.49 19.57 22.94
N ARG A 24 -17.65 19.10 23.35
N ARG A 24 -17.66 19.09 23.34
CA ARG A 24 -18.62 19.93 24.05
CA ARG A 24 -18.64 19.89 24.06
C ARG A 24 -18.80 19.40 25.47
C ARG A 24 -18.74 19.38 25.49
N ALA A 25 -18.71 20.30 26.44
CA ALA A 25 -18.78 19.96 27.86
C ALA A 25 -20.19 20.23 28.38
N SER A 26 -20.65 19.36 29.31
CA SER A 26 -21.99 19.52 29.87
C SER A 26 -22.12 20.73 30.78
N GLN A 27 -21.01 21.29 31.23
CA GLN A 27 -21.01 22.56 31.95
C GLN A 27 -19.68 23.22 31.68
N SER A 28 -19.61 24.53 31.92
CA SER A 28 -18.41 25.29 31.59
C SER A 28 -17.18 24.67 32.23
N VAL A 29 -16.10 24.61 31.45
CA VAL A 29 -14.80 24.12 31.90
C VAL A 29 -14.02 25.32 32.42
N SER A 30 -13.51 25.21 33.64
CA SER A 30 -12.96 26.36 34.35
C SER A 30 -11.56 26.73 33.84
N GLY A 31 -11.40 28.00 33.45
CA GLY A 31 -10.09 28.50 33.03
C GLY A 31 -9.50 27.89 31.78
N GLY A 32 -10.32 27.41 30.86
CA GLY A 32 -9.79 26.82 29.64
C GLY A 32 -8.93 25.57 29.87
N ALA A 33 -9.14 24.87 30.97
CA ALA A 33 -8.35 23.68 31.34
C ALA A 33 -8.81 22.48 30.51
N LEU A 34 -8.40 22.50 29.24
CA LEU A 34 -8.88 21.53 28.26
C LEU A 34 -7.69 21.12 27.40
N ALA A 35 -7.47 19.82 27.26
CA ALA A 35 -6.37 19.30 26.46
C ALA A 35 -6.88 18.34 25.40
N TRP A 36 -6.04 18.13 24.38
CA TRP A 36 -6.33 17.24 23.27
C TRP A 36 -5.18 16.24 23.11
N TYR A 37 -5.52 14.96 22.94
CA TYR A 37 -4.54 13.89 22.77
C TYR A 37 -4.77 13.14 21.47
N GLN A 38 -3.70 12.61 20.90
CA GLN A 38 -3.80 11.72 19.74
C GLN A 38 -3.48 10.31 20.19
N GLN A 39 -4.16 9.31 19.65
CA GLN A 39 -3.78 7.94 19.97
C GLN A 39 -3.82 7.04 18.75
N LYS A 40 -2.73 6.36 18.49
CA LYS A 40 -2.70 5.37 17.42
C LYS A 40 -2.77 3.98 18.03
N ALA A 41 -3.24 3.04 17.21
CA ALA A 41 -3.46 1.67 17.66
C ALA A 41 -2.21 1.14 18.36
N GLY A 42 -2.40 0.65 19.59
CA GLY A 42 -1.34 0.02 20.35
C GLY A 42 -0.35 0.94 21.01
N GLN A 43 -0.56 2.26 20.96
CA GLN A 43 0.35 3.23 21.56
C GLN A 43 -0.32 3.99 22.70
N ALA A 44 0.52 4.60 23.54
CA ALA A 44 0.05 5.52 24.55
C ALA A 44 -0.49 6.78 23.89
N PRO A 45 -1.40 7.47 24.55
CA PRO A 45 -1.83 8.79 24.05
C PRO A 45 -0.64 9.73 23.97
N ARG A 46 -0.78 10.71 23.08
CA ARG A 46 0.22 11.75 22.87
C ARG A 46 -0.46 13.09 23.06
N LEU A 47 0.10 13.94 23.94
CA LEU A 47 -0.46 15.28 24.13
C LEU A 47 -0.20 16.17 22.92
N LEU A 48 -1.26 16.77 22.39
CA LEU A 48 -1.16 17.75 21.31
C LEU A 48 -1.33 19.19 21.80
N ILE A 49 -2.38 19.43 22.57
CA ILE A 49 -2.79 20.78 22.96
C ILE A 49 -3.09 20.76 24.46
N TYR A 50 -2.67 21.80 25.16
CA TYR A 50 -3.01 21.97 26.57
C TYR A 50 -3.57 23.37 26.79
N GLY A 51 -4.38 23.53 27.84
CA GLY A 51 -4.96 24.81 28.12
C GLY A 51 -5.68 25.46 26.95
N THR A 52 -6.53 24.68 26.28
CA THR A 52 -7.33 25.06 25.10
C THR A 52 -6.52 25.29 23.83
N SER A 53 -5.43 26.05 23.90
CA SER A 53 -4.74 26.49 22.69
C SER A 53 -3.23 26.37 22.73
N GLY A 54 -2.64 25.87 23.82
CA GLY A 54 -1.18 25.77 23.89
C GLY A 54 -0.71 24.52 23.16
N ARG A 55 0.27 24.70 22.28
CA ARG A 55 0.75 23.60 21.46
C ARG A 55 1.87 22.90 22.23
N ALA A 56 1.72 21.59 22.44
CA ALA A 56 2.70 20.84 23.21
C ALA A 56 4.03 20.77 22.46
N THR A 57 5.11 20.51 23.21
CA THR A 57 6.43 20.52 22.57
C THR A 57 6.53 19.42 21.53
N GLY A 58 7.13 19.75 20.40
CA GLY A 58 7.30 18.81 19.32
C GLY A 58 6.07 18.53 18.48
N VAL A 59 4.93 19.13 18.81
CA VAL A 59 3.71 18.93 18.02
C VAL A 59 3.76 19.84 16.79
N PRO A 60 3.50 19.32 15.58
CA PRO A 60 3.57 20.17 14.39
C PRO A 60 2.64 21.38 14.46
N GLY A 61 3.05 22.43 13.77
CA GLY A 61 2.31 23.69 13.72
C GLY A 61 0.92 23.59 13.10
N ARG A 62 0.66 22.54 12.32
CA ARG A 62 -0.65 22.37 11.68
C ARG A 62 -1.75 22.01 12.69
N PHE A 63 -1.40 21.59 13.90
CA PHE A 63 -2.39 21.39 14.97
C PHE A 63 -2.63 22.69 15.72
N SER A 64 -3.91 23.03 15.92
CA SER A 64 -4.26 24.14 16.80
C SER A 64 -5.55 23.83 17.56
N GLY A 65 -5.69 24.45 18.71
CA GLY A 65 -6.85 24.27 19.57
C GLY A 65 -7.51 25.60 19.86
N SER A 66 -8.82 25.58 20.03
CA SER A 66 -9.60 26.79 20.26
C SER A 66 -10.86 26.47 21.05
N GLY A 67 -11.57 27.50 21.46
CA GLY A 67 -12.82 27.38 22.17
C GLY A 67 -12.80 28.02 23.55
N SER A 68 -13.92 27.88 24.24
CA SER A 68 -14.11 28.45 25.57
C SER A 68 -15.35 27.82 26.18
N GLU A 69 -15.48 27.98 27.50
CA GLU A 69 -16.70 27.65 28.21
C GLU A 69 -17.10 26.19 28.02
N THR A 70 -18.08 25.91 27.15
CA THR A 70 -18.54 24.54 26.92
C THR A 70 -18.22 24.01 25.53
N ASP A 71 -17.51 24.76 24.69
CA ASP A 71 -17.30 24.36 23.29
C ASP A 71 -15.84 24.52 22.90
N PHE A 72 -15.20 23.41 22.52
CA PHE A 72 -13.77 23.40 22.21
C PHE A 72 -13.53 22.69 20.89
N SER A 73 -12.42 23.07 20.24
N SER A 73 -12.43 23.06 20.23
CA SER A 73 -12.13 22.59 18.90
CA SER A 73 -12.18 22.54 18.89
C SER A 73 -10.66 22.21 18.80
C SER A 73 -10.69 22.31 18.65
N LEU A 74 -10.38 21.20 17.98
CA LEU A 74 -9.04 20.86 17.52
C LEU A 74 -9.07 20.93 16.01
N THR A 75 -8.20 21.74 15.43
CA THR A 75 -8.15 21.90 13.98
C THR A 75 -6.81 21.42 13.47
N ILE A 76 -6.85 20.59 12.44
CA ILE A 76 -5.66 20.20 11.70
C ILE A 76 -5.75 20.92 10.36
N SER A 77 -4.88 21.91 10.15
CA SER A 77 -5.07 22.82 9.03
C SER A 77 -4.94 22.10 7.69
N ARG A 78 -4.04 21.12 7.61
CA ARG A 78 -3.85 20.35 6.40
C ARG A 78 -3.38 18.95 6.80
N LEU A 79 -4.26 17.97 6.67
CA LEU A 79 -3.96 16.62 7.14
C LEU A 79 -2.78 16.03 6.37
N GLU A 80 -1.99 15.23 7.07
CA GLU A 80 -1.02 14.34 6.46
C GLU A 80 -1.44 12.90 6.69
N PRO A 81 -0.88 11.93 5.95
CA PRO A 81 -1.30 10.53 6.16
C PRO A 81 -1.16 10.06 7.61
N GLU A 82 -0.17 10.54 8.35
CA GLU A 82 0.03 10.05 9.71
C GLU A 82 -0.93 10.67 10.72
N ASP A 83 -1.81 11.57 10.28
CA ASP A 83 -2.76 12.20 11.18
C ASP A 83 -4.02 11.36 11.39
N PHE A 84 -4.18 10.26 10.66
CA PHE A 84 -5.38 9.45 10.79
C PHE A 84 -5.23 8.54 12.01
N ALA A 85 -6.02 8.84 13.05
CA ALA A 85 -5.85 8.31 14.39
C ALA A 85 -7.11 8.63 15.18
N VAL A 86 -7.11 8.30 16.46
CA VAL A 86 -8.20 8.67 17.38
C VAL A 86 -7.74 9.89 18.17
N TYR A 87 -8.66 10.82 18.44
CA TYR A 87 -8.36 12.04 19.18
C TYR A 87 -9.28 12.14 20.39
N TYR A 88 -8.71 12.42 21.56
CA TYR A 88 -9.47 12.55 22.80
C TYR A 88 -9.33 13.96 23.31
N CYS A 89 -10.41 14.51 23.84
CA CYS A 89 -10.33 15.70 24.65
C CYS A 89 -10.45 15.31 26.14
N GLN A 90 -9.98 16.23 26.99
CA GLN A 90 -9.94 16.02 28.43
C GLN A 90 -10.09 17.36 29.13
N GLN A 91 -10.92 17.41 30.17
CA GLN A 91 -11.00 18.60 31.01
C GLN A 91 -10.37 18.29 32.36
N TYR A 92 -9.62 19.25 32.87
CA TYR A 92 -8.97 19.16 34.17
C TYR A 92 -9.16 20.47 34.94
N GLY A 93 -10.30 21.12 34.72
CA GLY A 93 -10.63 22.40 35.34
C GLY A 93 -11.29 22.26 36.69
N THR A 94 -11.56 21.04 37.11
CA THR A 94 -12.07 20.71 38.42
C THR A 94 -11.40 19.40 38.80
N SER A 95 -11.51 19.06 40.09
N SER A 95 -11.51 19.04 40.09
CA SER A 95 -10.74 17.94 40.64
CA SER A 95 -10.70 17.94 40.62
C SER A 95 -11.07 16.61 39.96
C SER A 95 -11.08 16.59 40.01
N GLN A 96 -12.32 16.41 39.57
CA GLN A 96 -12.73 15.19 38.88
C GLN A 96 -12.51 15.40 37.38
N SER A 97 -11.35 15.00 36.88
CA SER A 97 -11.04 15.09 35.45
CA SER A 97 -11.08 15.12 35.45
C SER A 97 -11.80 14.02 34.67
N THR A 98 -12.18 14.36 33.44
CA THR A 98 -12.91 13.46 32.57
C THR A 98 -12.35 13.58 31.15
N PHE A 99 -12.62 12.55 30.35
CA PHE A 99 -12.25 12.48 28.94
C PHE A 99 -13.49 12.36 28.09
N GLY A 100 -13.41 12.87 26.86
CA GLY A 100 -14.41 12.57 25.87
C GLY A 100 -14.32 11.12 25.40
N GLN A 101 -15.27 10.72 24.56
CA GLN A 101 -15.30 9.33 24.14
C GLN A 101 -14.45 9.07 22.92
N GLY A 102 -13.88 10.11 22.32
CA GLY A 102 -12.98 9.94 21.18
C GLY A 102 -13.61 10.20 19.82
N THR A 103 -12.83 10.78 18.91
CA THR A 103 -13.21 10.93 17.52
C THR A 103 -12.15 10.24 16.69
N ARG A 104 -12.57 9.37 15.77
N ARG A 104 -12.58 9.42 15.73
CA ARG A 104 -11.62 8.70 14.88
CA ARG A 104 -11.69 8.66 14.85
C ARG A 104 -11.65 9.35 13.52
C ARG A 104 -11.67 9.30 13.47
N LEU A 105 -10.47 9.64 12.99
CA LEU A 105 -10.28 10.17 11.64
C LEU A 105 -9.89 8.99 10.75
N GLU A 106 -10.73 8.68 9.77
CA GLU A 106 -10.45 7.61 8.82
C GLU A 106 -10.20 8.19 7.44
N THR A 107 -9.48 7.45 6.60
CA THR A 107 -9.27 7.93 5.24
C THR A 107 -10.51 7.61 4.43
N ARG A 108 -10.97 8.58 3.64
CA ARG A 108 -12.14 8.37 2.80
C ARG A 108 -11.77 7.63 1.51
N ARG A 109 -12.71 6.83 1.01
CA ARG A 109 -12.60 6.16 -0.27
C ARG A 109 -14.00 5.86 -0.78
N THR A 110 -14.06 5.27 -1.96
CA THR A 110 -15.32 4.85 -2.57
CA THR A 110 -15.33 4.87 -2.55
C THR A 110 -15.93 3.68 -1.81
N VAL A 111 -17.27 3.64 -1.79
CA VAL A 111 -17.97 2.51 -1.16
C VAL A 111 -17.51 1.22 -1.79
N ALA A 112 -17.24 0.19 -0.97
CA ALA A 112 -16.77 -1.09 -1.48
C ALA A 112 -17.51 -2.20 -0.76
N ALA A 113 -18.19 -3.08 -1.52
CA ALA A 113 -18.92 -4.17 -0.91
C ALA A 113 -17.94 -5.23 -0.38
N PRO A 114 -18.30 -5.93 0.69
CA PRO A 114 -17.41 -6.99 1.18
C PRO A 114 -17.41 -8.17 0.23
N SER A 115 -16.29 -8.89 0.18
CA SER A 115 -16.29 -10.23 -0.40
CA SER A 115 -16.29 -10.23 -0.40
C SER A 115 -16.46 -11.21 0.75
N VAL A 116 -17.46 -12.08 0.65
CA VAL A 116 -17.86 -12.89 1.79
C VAL A 116 -17.40 -14.32 1.59
N PHE A 117 -16.88 -14.92 2.66
CA PHE A 117 -16.43 -16.31 2.66
C PHE A 117 -16.98 -16.99 3.91
N ILE A 118 -17.39 -18.26 3.79
CA ILE A 118 -17.84 -19.02 4.94
C ILE A 118 -16.95 -20.25 5.10
N PHE A 119 -16.64 -20.59 6.34
CA PHE A 119 -15.72 -21.69 6.65
C PHE A 119 -16.40 -22.67 7.59
N PRO A 120 -16.65 -23.90 7.14
CA PRO A 120 -17.14 -24.95 8.06
C PRO A 120 -16.14 -25.19 9.17
N PRO A 121 -16.58 -25.75 10.30
CA PRO A 121 -15.59 -26.18 11.30
C PRO A 121 -14.73 -27.28 10.71
N SER A 122 -13.45 -27.27 11.06
CA SER A 122 -12.53 -28.30 10.61
C SER A 122 -12.83 -29.62 11.30
N ASP A 123 -12.54 -30.73 10.61
CA ASP A 123 -12.64 -32.05 11.24
C ASP A 123 -11.77 -32.12 12.49
N GLU A 124 -10.62 -31.45 12.46
CA GLU A 124 -9.74 -31.42 13.62
C GLU A 124 -10.48 -30.88 14.84
N GLN A 125 -11.13 -29.71 14.69
CA GLN A 125 -11.87 -29.14 15.83
C GLN A 125 -13.02 -30.05 16.24
N LEU A 126 -13.73 -30.60 15.26
CA LEU A 126 -14.88 -31.44 15.57
C LEU A 126 -14.48 -32.65 16.41
N LYS A 127 -13.34 -33.26 16.11
CA LYS A 127 -12.88 -34.39 16.92
C LYS A 127 -12.53 -33.96 18.35
N SER A 128 -12.47 -32.66 18.64
CA SER A 128 -12.26 -32.15 19.99
C SER A 128 -13.56 -31.84 20.72
N GLY A 129 -14.71 -31.93 20.06
CA GLY A 129 -15.97 -31.77 20.74
C GLY A 129 -16.64 -30.42 20.61
N THR A 130 -16.11 -29.51 19.80
CA THR A 130 -16.68 -28.18 19.62
C THR A 130 -16.69 -27.84 18.14
N ALA A 131 -17.54 -26.88 17.77
CA ALA A 131 -17.66 -26.46 16.36
C ALA A 131 -17.76 -24.95 16.27
N SER A 132 -16.89 -24.36 15.45
CA SER A 132 -16.90 -22.93 15.16
C SER A 132 -17.09 -22.77 13.66
N VAL A 133 -18.15 -22.06 13.26
CA VAL A 133 -18.36 -21.68 11.87
C VAL A 133 -17.93 -20.22 11.74
N VAL A 134 -17.11 -19.92 10.73
CA VAL A 134 -16.52 -18.59 10.57
C VAL A 134 -17.05 -17.98 9.28
N CYS A 135 -17.40 -16.69 9.33
CA CYS A 135 -17.80 -15.92 8.18
C CYS A 135 -16.87 -14.71 8.09
N LEU A 136 -16.21 -14.55 6.95
CA LEU A 136 -15.25 -13.48 6.71
C LEU A 136 -15.85 -12.49 5.71
N LEU A 137 -15.91 -11.21 6.10
CA LEU A 137 -16.31 -10.09 5.23
C LEU A 137 -15.03 -9.33 4.96
N ASN A 138 -14.56 -9.37 3.72
CA ASN A 138 -13.20 -8.90 3.42
C ASN A 138 -13.23 -7.61 2.61
N ASN A 139 -12.44 -6.62 3.05
CA ASN A 139 -12.07 -5.43 2.29
C ASN A 139 -13.27 -4.59 1.86
N PHE A 140 -14.05 -4.13 2.84
CA PHE A 140 -15.23 -3.33 2.55
C PHE A 140 -15.11 -1.92 3.15
N TYR A 141 -15.96 -1.03 2.64
CA TYR A 141 -16.01 0.36 3.11
C TYR A 141 -17.40 0.90 2.80
N PRO A 142 -18.09 1.59 3.74
CA PRO A 142 -17.65 2.00 5.09
C PRO A 142 -17.66 0.87 6.13
N ARG A 143 -17.39 1.23 7.39
CA ARG A 143 -17.13 0.22 8.42
C ARG A 143 -18.39 -0.54 8.84
N GLU A 144 -19.55 0.10 8.78
N GLU A 144 -19.55 0.12 8.80
CA GLU A 144 -20.77 -0.52 9.26
CA GLU A 144 -20.81 -0.51 9.18
C GLU A 144 -21.16 -1.72 8.38
C GLU A 144 -21.05 -1.77 8.35
N ALA A 145 -21.42 -2.86 9.03
CA ALA A 145 -21.82 -4.08 8.32
C ALA A 145 -22.68 -4.92 9.25
N LYS A 146 -23.53 -5.76 8.67
CA LYS A 146 -24.40 -6.61 9.47
C LYS A 146 -24.29 -8.05 9.00
N VAL A 147 -24.04 -8.95 9.95
CA VAL A 147 -23.96 -10.39 9.70
C VAL A 147 -25.10 -11.07 10.44
N GLN A 148 -25.87 -11.88 9.73
CA GLN A 148 -26.92 -12.71 10.33
C GLN A 148 -26.56 -14.17 10.08
N TRP A 149 -26.60 -14.97 11.13
CA TRP A 149 -26.40 -16.41 10.98
C TRP A 149 -27.73 -17.12 10.93
N LYS A 150 -27.82 -18.13 10.06
CA LYS A 150 -28.99 -18.99 9.98
C LYS A 150 -28.56 -20.44 9.95
N VAL A 151 -29.20 -21.27 10.77
CA VAL A 151 -28.96 -22.71 10.84
C VAL A 151 -30.27 -23.40 10.51
N ASP A 152 -30.28 -24.16 9.41
CA ASP A 152 -31.51 -24.73 8.86
C ASP A 152 -32.57 -23.65 8.66
N ASN A 153 -32.14 -22.53 8.09
CA ASN A 153 -32.98 -21.37 7.75
C ASN A 153 -33.51 -20.64 8.98
N ALA A 154 -33.09 -21.01 10.18
CA ALA A 154 -33.54 -20.38 11.41
C ALA A 154 -32.51 -19.36 11.89
N LEU A 155 -32.95 -18.13 12.15
CA LEU A 155 -32.04 -17.06 12.53
C LEU A 155 -31.46 -17.30 13.92
N GLN A 156 -30.14 -17.22 14.01
CA GLN A 156 -29.43 -17.47 15.26
C GLN A 156 -29.31 -16.20 16.08
N SER A 157 -29.29 -16.37 17.40
CA SER A 157 -29.12 -15.23 18.29
C SER A 157 -28.26 -15.63 19.49
N GLY A 158 -27.41 -14.70 19.92
CA GLY A 158 -26.64 -14.86 21.14
C GLY A 158 -25.52 -15.88 21.08
N ASN A 159 -25.24 -16.49 19.93
CA ASN A 159 -24.18 -17.50 19.88
C ASN A 159 -23.13 -17.16 18.81
N SER A 160 -22.97 -15.86 18.52
CA SER A 160 -21.94 -15.39 17.61
C SER A 160 -21.18 -14.23 18.25
N GLN A 161 -19.93 -14.07 17.84
CA GLN A 161 -19.11 -12.91 18.18
C GLN A 161 -18.35 -12.48 16.94
N GLU A 162 -18.06 -11.19 16.85
CA GLU A 162 -17.39 -10.65 15.68
C GLU A 162 -16.34 -9.64 16.13
N SER A 163 -15.42 -9.36 15.23
CA SER A 163 -14.50 -8.24 15.44
C SER A 163 -14.08 -7.72 14.07
N VAL A 164 -13.47 -6.54 14.08
CA VAL A 164 -13.20 -5.78 12.87
C VAL A 164 -11.75 -5.32 12.90
N THR A 165 -11.05 -5.43 11.77
CA THR A 165 -9.70 -4.90 11.71
C THR A 165 -9.71 -3.37 11.78
N GLU A 166 -8.56 -2.79 12.14
CA GLU A 166 -8.32 -1.38 11.89
C GLU A 166 -8.38 -1.10 10.39
N GLN A 167 -8.66 0.15 10.03
CA GLN A 167 -8.70 0.51 8.61
C GLN A 167 -7.36 0.23 7.94
N ASP A 168 -7.40 -0.42 6.78
CA ASP A 168 -6.16 -0.74 6.09
C ASP A 168 -5.44 0.55 5.66
N SER A 169 -4.13 0.61 5.93
CA SER A 169 -3.41 1.84 5.65
C SER A 169 -3.20 2.09 4.16
N LYS A 170 -3.35 1.07 3.31
CA LYS A 170 -3.14 1.28 1.88
C LYS A 170 -4.43 1.45 1.08
N ASP A 171 -5.46 0.65 1.35
CA ASP A 171 -6.66 0.67 0.51
C ASP A 171 -7.88 1.20 1.25
N SER A 172 -7.76 1.57 2.53
CA SER A 172 -8.78 2.25 3.32
C SER A 172 -9.95 1.35 3.68
N THR A 173 -9.84 0.04 3.54
CA THR A 173 -10.96 -0.84 3.80
C THR A 173 -10.90 -1.41 5.20
N TYR A 174 -11.97 -2.09 5.56
CA TYR A 174 -12.13 -2.82 6.81
C TYR A 174 -12.42 -4.27 6.46
N SER A 175 -12.12 -5.16 7.40
CA SER A 175 -12.51 -6.55 7.29
C SER A 175 -13.16 -6.97 8.61
N LEU A 176 -14.04 -7.98 8.52
CA LEU A 176 -14.82 -8.42 9.67
C LEU A 176 -14.86 -9.93 9.68
N SER A 177 -14.72 -10.50 10.87
N SER A 177 -14.65 -10.51 10.86
CA SER A 177 -14.76 -11.94 11.10
CA SER A 177 -14.78 -11.94 11.10
C SER A 177 -15.81 -12.24 12.16
C SER A 177 -15.88 -12.15 12.13
N SER A 178 -16.80 -13.06 11.82
CA SER A 178 -17.83 -13.49 12.75
C SER A 178 -17.72 -14.99 12.95
N THR A 179 -17.80 -15.44 14.20
CA THR A 179 -17.75 -16.85 14.55
C THR A 179 -19.05 -17.27 15.22
N LEU A 180 -19.70 -18.29 14.66
CA LEU A 180 -20.86 -18.93 15.28
C LEU A 180 -20.38 -20.16 16.04
N THR A 181 -20.67 -20.20 17.34
CA THR A 181 -20.22 -21.29 18.21
C THR A 181 -21.40 -22.18 18.56
N LEU A 182 -21.23 -23.48 18.35
CA LEU A 182 -22.21 -24.48 18.71
C LEU A 182 -21.49 -25.68 19.27
N SER A 183 -22.21 -26.47 20.07
CA SER A 183 -21.69 -27.78 20.45
C SER A 183 -21.55 -28.65 19.22
N LYS A 184 -20.64 -29.62 19.30
CA LYS A 184 -20.54 -30.59 18.22
C LYS A 184 -21.87 -31.33 18.02
N ALA A 185 -22.58 -31.60 19.12
CA ALA A 185 -23.87 -32.25 19.00
C ALA A 185 -24.83 -31.43 18.14
N ASP A 186 -24.97 -30.14 18.46
CA ASP A 186 -25.89 -29.29 17.72
C ASP A 186 -25.46 -29.13 16.27
N TYR A 187 -24.15 -29.02 16.03
CA TYR A 187 -23.67 -28.91 14.65
C TYR A 187 -24.04 -30.15 13.82
N GLU A 188 -23.87 -31.34 14.40
CA GLU A 188 -24.24 -32.56 13.69
C GLU A 188 -25.76 -32.73 13.60
N LYS A 189 -26.51 -31.99 14.40
CA LYS A 189 -27.96 -32.08 14.40
C LYS A 189 -28.57 -31.43 13.16
N HIS A 190 -27.95 -30.37 12.65
CA HIS A 190 -28.50 -29.55 11.60
C HIS A 190 -27.68 -29.69 10.32
N LYS A 191 -28.21 -29.14 9.23
CA LYS A 191 -27.66 -29.38 7.89
C LYS A 191 -27.19 -28.12 7.20
N VAL A 192 -27.99 -27.05 7.16
CA VAL A 192 -27.70 -25.87 6.35
C VAL A 192 -27.18 -24.76 7.25
N TYR A 193 -26.00 -24.24 6.92
CA TYR A 193 -25.32 -23.21 7.69
C TYR A 193 -25.08 -22.01 6.80
N ALA A 194 -25.60 -20.85 7.19
CA ALA A 194 -25.59 -19.69 6.32
C ALA A 194 -25.23 -18.43 7.09
N CYS A 195 -24.40 -17.60 6.46
CA CYS A 195 -24.17 -16.24 6.96
CA CYS A 195 -24.09 -16.26 6.92
C CYS A 195 -24.68 -15.27 5.90
N GLU A 196 -25.61 -14.42 6.34
CA GLU A 196 -26.21 -13.40 5.48
C GLU A 196 -25.61 -12.04 5.82
N VAL A 197 -25.15 -11.34 4.79
CA VAL A 197 -24.40 -10.10 4.99
C VAL A 197 -25.13 -8.96 4.30
N THR A 198 -25.35 -7.87 5.05
CA THR A 198 -25.87 -6.63 4.50
C THR A 198 -24.85 -5.53 4.72
N HIS A 199 -24.72 -4.66 3.71
CA HIS A 199 -23.73 -3.60 3.70
C HIS A 199 -24.16 -2.59 2.65
N GLN A 200 -23.82 -1.30 2.87
CA GLN A 200 -24.22 -0.24 1.95
C GLN A 200 -23.77 -0.51 0.52
N GLY A 201 -22.66 -1.21 0.32
CA GLY A 201 -22.15 -1.50 -1.02
C GLY A 201 -22.93 -2.57 -1.78
N LEU A 202 -23.81 -3.29 -1.10
CA LEU A 202 -24.56 -4.39 -1.68
C LEU A 202 -25.95 -3.92 -2.07
N SER A 203 -26.35 -4.23 -3.31
CA SER A 203 -27.71 -3.93 -3.74
C SER A 203 -28.71 -4.92 -3.19
N SER A 204 -28.25 -6.09 -2.76
CA SER A 204 -29.07 -7.10 -2.12
C SER A 204 -28.18 -7.88 -1.18
N PRO A 205 -28.73 -8.48 -0.12
CA PRO A 205 -27.89 -9.21 0.84
C PRO A 205 -27.21 -10.41 0.19
N VAL A 206 -25.98 -10.66 0.62
CA VAL A 206 -25.18 -11.78 0.12
C VAL A 206 -25.25 -12.89 1.16
N THR A 207 -25.60 -14.10 0.72
CA THR A 207 -25.65 -15.25 1.62
C THR A 207 -24.66 -16.28 1.12
N LYS A 208 -23.67 -16.59 1.95
CA LYS A 208 -22.78 -17.72 1.75
C LYS A 208 -23.21 -18.85 2.68
N SER A 209 -23.40 -20.04 2.13
CA SER A 209 -23.87 -21.16 2.92
C SER A 209 -23.18 -22.44 2.47
N PHE A 210 -23.25 -23.44 3.35
CA PHE A 210 -22.82 -24.78 3.00
C PHE A 210 -23.75 -25.76 3.69
N ASN A 211 -23.76 -26.99 3.18
CA ASN A 211 -24.44 -28.10 3.82
C ASN A 211 -23.40 -28.93 4.56
N ARG A 212 -23.65 -29.22 5.84
CA ARG A 212 -22.71 -30.02 6.62
C ARG A 212 -22.47 -31.37 5.96
N GLY A 213 -21.21 -31.74 5.81
CA GLY A 213 -20.88 -33.03 5.25
C GLY A 213 -20.90 -33.08 3.74
N GLU A 214 -20.63 -31.97 3.07
CA GLU A 214 -20.55 -31.97 1.63
C GLU A 214 -19.25 -31.30 1.19
N LYS B 1 15.53 13.89 29.08
CA LYS B 1 14.20 13.59 28.57
C LYS B 1 13.42 12.79 29.62
N VAL B 2 12.21 13.25 29.96
CA VAL B 2 11.40 12.58 30.98
C VAL B 2 10.91 11.25 30.43
N GLN B 3 11.20 10.17 31.15
CA GLN B 3 10.73 8.82 30.81
C GLN B 3 10.00 8.19 31.99
N LEU B 4 8.89 7.50 31.71
CA LEU B 4 8.11 6.74 32.69
C LEU B 4 8.12 5.28 32.30
N VAL B 5 8.58 4.41 33.19
CA VAL B 5 8.71 2.99 32.90
C VAL B 5 7.88 2.20 33.90
N GLN B 6 6.89 1.47 33.40
CA GLN B 6 5.95 0.76 34.25
C GLN B 6 6.36 -0.71 34.40
N SER B 7 5.79 -1.36 35.41
CA SER B 7 5.99 -2.77 35.66
C SER B 7 5.19 -3.60 34.64
N GLY B 8 5.46 -4.91 34.63
CA GLY B 8 4.99 -5.79 33.58
C GLY B 8 3.53 -6.21 33.76
N ALA B 9 3.03 -6.95 32.76
CA ALA B 9 1.62 -7.36 32.73
C ALA B 9 1.25 -8.17 33.98
N GLU B 10 -0.01 -8.03 34.40
CA GLU B 10 -0.51 -8.64 35.63
C GLU B 10 -1.71 -9.50 35.30
N LEU B 11 -1.78 -10.67 35.93
CA LEU B 11 -2.93 -11.56 35.87
C LEU B 11 -3.45 -11.79 37.29
N LYS B 12 -4.72 -11.47 37.53
CA LYS B 12 -5.27 -11.45 38.89
C LYS B 12 -6.65 -12.09 38.87
N LYS B 13 -6.98 -12.74 39.98
CA LYS B 13 -8.32 -13.30 40.16
C LYS B 13 -9.26 -12.20 40.64
N PRO B 14 -10.56 -12.35 40.38
CA PRO B 14 -11.53 -11.37 40.89
C PRO B 14 -11.44 -11.26 42.41
N TRP B 15 -11.63 -10.04 42.91
CA TRP B 15 -11.67 -9.67 44.33
C TRP B 15 -10.28 -9.67 44.96
N SER B 16 -9.23 -9.91 44.17
CA SER B 16 -7.86 -9.72 44.61
C SER B 16 -7.46 -8.27 44.36
N SER B 17 -6.19 -7.96 44.62
CA SER B 17 -5.63 -6.61 44.51
CA SER B 17 -5.66 -6.60 44.47
C SER B 17 -4.49 -6.61 43.51
N VAL B 18 -4.20 -5.44 42.93
CA VAL B 18 -3.09 -5.29 41.98
C VAL B 18 -2.29 -4.03 42.34
N ARG B 19 -0.96 -4.13 42.21
CA ARG B 19 -0.06 -2.99 42.35
C ARG B 19 0.75 -2.84 41.07
N VAL B 20 0.75 -1.62 40.54
CA VAL B 20 1.45 -1.29 39.31
C VAL B 20 2.41 -0.16 39.65
N SER B 21 3.66 -0.27 39.21
CA SER B 21 4.65 0.75 39.49
C SER B 21 4.96 1.55 38.24
N CYS B 22 5.47 2.76 38.46
CA CYS B 22 5.84 3.70 37.41
C CYS B 22 7.10 4.43 37.87
N LYS B 23 8.24 4.16 37.24
CA LYS B 23 9.50 4.79 37.66
C LYS B 23 9.83 5.93 36.72
N ALA B 24 9.99 7.14 37.27
CA ALA B 24 10.27 8.33 36.50
C ALA B 24 11.76 8.62 36.50
N SER B 25 12.25 9.15 35.39
CA SER B 25 13.64 9.53 35.25
C SER B 25 13.72 10.71 34.29
N GLY B 26 14.80 11.46 34.40
CA GLY B 26 15.05 12.52 33.46
C GLY B 26 14.52 13.88 33.85
N GLY B 27 14.10 14.05 35.09
CA GLY B 27 13.76 15.37 35.55
C GLY B 27 13.54 15.40 37.05
N SER B 28 12.97 16.50 37.51
CA SER B 28 12.48 16.60 38.88
C SER B 28 11.24 15.73 39.06
N PHE B 29 11.04 15.26 40.29
CA PHE B 29 9.99 14.29 40.58
C PHE B 29 8.89 14.84 41.48
N SER B 30 9.26 15.40 42.62
CA SER B 30 8.31 15.56 43.72
C SER B 30 7.32 16.70 43.48
N SER B 31 7.68 17.72 42.73
CA SER B 31 6.79 18.87 42.58
C SER B 31 5.90 18.79 41.34
N TYR B 32 5.78 17.63 40.69
CA TYR B 32 4.93 17.47 39.52
C TYR B 32 3.84 16.44 39.81
N ALA B 33 2.68 16.62 39.18
CA ALA B 33 1.55 15.71 39.36
C ALA B 33 1.71 14.47 38.49
N PHE B 34 1.57 13.31 39.11
CA PHE B 34 1.52 12.03 38.40
C PHE B 34 0.09 11.50 38.43
N ASN B 35 -0.37 11.00 37.28
CA ASN B 35 -1.73 10.48 37.19
C ASN B 35 -1.75 9.08 36.64
N TRP B 36 -2.85 8.37 36.92
CA TRP B 36 -3.10 7.05 36.36
C TRP B 36 -4.37 7.12 35.51
N VAL B 37 -4.29 6.56 34.30
CA VAL B 37 -5.37 6.52 33.32
C VAL B 37 -5.43 5.11 32.75
N ARG B 38 -6.65 4.55 32.57
CA ARG B 38 -6.75 3.22 32.02
C ARG B 38 -7.60 3.19 30.75
N GLN B 39 -7.48 2.09 30.00
CA GLN B 39 -8.21 1.94 28.74
C GLN B 39 -8.56 0.48 28.57
N ALA B 40 -9.84 0.17 28.70
CA ALA B 40 -10.30 -1.17 28.46
C ALA B 40 -10.23 -1.46 26.96
N PRO B 41 -10.03 -2.72 26.57
CA PRO B 41 -9.79 -3.02 25.14
C PRO B 41 -10.80 -2.41 24.19
N GLY B 42 -10.33 -1.58 23.25
CA GLY B 42 -11.20 -0.94 22.29
C GLY B 42 -12.09 0.17 22.84
N GLN B 43 -11.78 0.71 24.01
CA GLN B 43 -12.67 1.66 24.69
C GLN B 43 -11.93 2.97 24.99
N ARG B 44 -12.61 3.87 25.69
CA ARG B 44 -12.16 5.24 25.88
C ARG B 44 -11.17 5.33 27.05
N LEU B 45 -10.48 6.45 27.14
CA LEU B 45 -9.58 6.68 28.27
C LEU B 45 -10.40 7.04 29.50
N GLU B 46 -9.92 6.57 30.66
CA GLU B 46 -10.60 6.79 31.94
C GLU B 46 -9.55 7.16 32.99
N TRP B 47 -9.68 8.37 33.55
CA TRP B 47 -8.78 8.84 34.59
C TRP B 47 -9.13 8.18 35.92
N LEU B 48 -8.13 7.69 36.63
CA LEU B 48 -8.32 6.99 37.91
C LEU B 48 -8.00 7.87 39.11
N GLY B 49 -6.99 8.71 38.98
CA GLY B 49 -6.53 9.51 40.09
C GLY B 49 -5.10 9.94 39.87
N GLY B 50 -4.61 10.72 40.85
CA GLY B 50 -3.26 11.24 40.79
C GLY B 50 -2.68 11.53 42.17
N ILE B 51 -1.38 11.84 42.18
CA ILE B 51 -0.67 12.20 43.40
C ILE B 51 0.30 13.32 43.09
N VAL B 52 0.46 14.24 44.04
CA VAL B 52 1.60 15.15 44.05
C VAL B 52 2.54 14.71 45.16
N PRO B 53 3.72 14.15 44.84
CA PRO B 53 4.54 13.52 45.88
C PRO B 53 5.02 14.46 46.97
N LEU B 54 5.41 15.70 46.62
CA LEU B 54 6.03 16.59 47.60
C LEU B 54 5.14 16.81 48.81
N VAL B 55 3.84 16.98 48.59
CA VAL B 55 2.88 17.29 49.64
C VAL B 55 2.00 16.10 49.98
N SER B 56 2.29 14.93 49.40
CA SER B 56 1.50 13.71 49.67
C SER B 56 0.01 13.94 49.47
N SER B 57 -0.36 14.55 48.34
CA SER B 57 -1.75 14.90 48.08
C SER B 57 -2.28 14.01 46.97
N THR B 58 -3.32 13.23 47.27
CA THR B 58 -3.92 12.37 46.26
C THR B 58 -5.33 12.85 45.91
N ASN B 59 -5.80 12.38 44.76
CA ASN B 59 -7.09 12.80 44.22
C ASN B 59 -7.62 11.63 43.41
N TYR B 60 -8.82 11.12 43.72
CA TYR B 60 -9.30 9.92 43.03
C TYR B 60 -10.62 10.16 42.31
N ALA B 61 -10.80 9.49 41.18
CA ALA B 61 -12.09 9.48 40.52
C ALA B 61 -13.15 8.88 41.43
N GLN B 62 -14.29 9.58 41.53
CA GLN B 62 -15.32 9.20 42.49
C GLN B 62 -15.85 7.79 42.24
N ARG B 63 -15.87 7.34 40.99
CA ARG B 63 -16.36 5.98 40.70
C ARG B 63 -15.43 4.90 41.25
N PHE B 64 -14.20 5.23 41.63
CA PHE B 64 -13.28 4.27 42.22
C PHE B 64 -12.98 4.56 43.68
N ARG B 65 -13.67 5.54 44.27
CA ARG B 65 -13.38 5.93 45.65
C ARG B 65 -13.31 4.70 46.53
N GLY B 66 -12.20 4.59 47.27
CA GLY B 66 -11.98 3.49 48.17
C GLY B 66 -11.24 2.32 47.56
N ARG B 67 -11.47 2.03 46.27
CA ARG B 67 -10.78 0.92 45.62
C ARG B 67 -9.39 1.28 45.14
N VAL B 68 -9.12 2.55 44.87
CA VAL B 68 -7.88 2.99 44.27
C VAL B 68 -7.06 3.76 45.29
N THR B 69 -5.79 3.40 45.43
CA THR B 69 -4.84 4.13 46.25
C THR B 69 -3.59 4.39 45.42
N ILE B 70 -3.12 5.63 45.43
CA ILE B 70 -1.90 6.00 44.72
C ILE B 70 -0.89 6.47 45.75
N SER B 71 0.38 6.11 45.55
CA SER B 71 1.43 6.49 46.49
C SER B 71 2.69 6.79 45.70
N ALA B 72 3.71 7.27 46.41
CA ALA B 72 4.93 7.70 45.73
C ALA B 72 6.10 7.42 46.65
N ASP B 73 7.25 7.09 46.05
CA ASP B 73 8.49 6.90 46.79
C ASP B 73 9.51 7.88 46.21
N ARG B 74 9.73 8.99 46.92
CA ARG B 74 10.61 10.02 46.40
C ARG B 74 12.04 9.51 46.23
N SER B 75 12.50 8.63 47.13
CA SER B 75 13.89 8.21 47.06
C SER B 75 14.18 7.39 45.82
N THR B 76 13.17 6.75 45.23
CA THR B 76 13.34 5.99 44.00
C THR B 76 12.58 6.59 42.82
N SER B 77 11.98 7.77 42.99
CA SER B 77 11.24 8.44 41.92
C SER B 77 10.19 7.53 41.29
N THR B 78 9.47 6.80 42.13
CA THR B 78 8.49 5.82 41.67
C THR B 78 7.11 6.12 42.23
N VAL B 79 6.09 6.03 41.37
N VAL B 79 6.11 6.07 41.36
CA VAL B 79 4.69 6.21 41.77
CA VAL B 79 4.72 6.15 41.76
C VAL B 79 3.94 4.90 41.53
C VAL B 79 4.15 4.74 41.73
N TYR B 80 3.07 4.53 42.48
CA TYR B 80 2.40 3.24 42.49
C TYR B 80 0.89 3.41 42.43
N LEU B 81 0.26 2.47 41.76
CA LEU B 81 -1.20 2.37 41.73
C LEU B 81 -1.57 1.06 42.39
N GLU B 82 -2.40 1.14 43.43
CA GLU B 82 -2.99 -0.05 44.04
C GLU B 82 -4.49 -0.04 43.78
N MET B 83 -5.02 -1.14 43.25
CA MET B 83 -6.47 -1.24 43.01
C MET B 83 -6.98 -2.54 43.62
N THR B 84 -7.97 -2.45 44.50
CA THR B 84 -8.53 -3.62 45.15
C THR B 84 -9.88 -3.94 44.52
N GLY B 85 -10.48 -5.04 44.96
CA GLY B 85 -11.82 -5.40 44.53
C GLY B 85 -11.92 -5.61 43.04
N LEU B 86 -10.91 -6.26 42.46
CA LEU B 86 -10.84 -6.39 41.00
C LEU B 86 -11.96 -7.26 40.46
N THR B 87 -12.49 -6.89 39.30
CA THR B 87 -13.40 -7.72 38.54
C THR B 87 -13.02 -7.62 37.06
N SER B 88 -13.70 -8.42 36.24
CA SER B 88 -13.40 -8.38 34.81
C SER B 88 -13.66 -6.99 34.21
N ALA B 89 -14.47 -6.17 34.86
CA ALA B 89 -14.65 -4.79 34.40
C ALA B 89 -13.37 -3.96 34.54
N ASP B 90 -12.39 -4.42 35.33
CA ASP B 90 -11.11 -3.73 35.49
C ASP B 90 -10.01 -4.23 34.53
N THR B 91 -10.28 -5.24 33.70
CA THR B 91 -9.32 -5.63 32.66
C THR B 91 -9.08 -4.47 31.69
N ALA B 92 -7.82 -4.02 31.59
CA ALA B 92 -7.50 -2.81 30.86
C ALA B 92 -5.99 -2.67 30.78
N VAL B 93 -5.55 -1.81 29.88
CA VAL B 93 -4.19 -1.27 29.95
C VAL B 93 -4.20 -0.07 30.88
N TYR B 94 -3.29 -0.06 31.85
CA TYR B 94 -3.16 1.02 32.83
C TYR B 94 -1.93 1.83 32.45
N PHE B 95 -2.09 3.14 32.34
CA PHE B 95 -1.01 4.05 32.03
C PHE B 95 -0.72 4.99 33.19
N CYS B 96 0.56 5.17 33.49
CA CYS B 96 0.93 6.31 34.31
CA CYS B 96 1.02 6.28 34.31
C CYS B 96 1.27 7.49 33.39
N ALA B 97 0.98 8.68 33.88
CA ALA B 97 1.21 9.89 33.09
C ALA B 97 1.65 11.00 34.04
N ARG B 98 2.52 11.85 33.55
CA ARG B 98 2.97 12.98 34.34
C ARG B 98 2.67 14.27 33.60
N GLU B 99 2.33 15.32 34.34
CA GLU B 99 2.02 16.58 33.70
C GLU B 99 3.26 17.18 33.03
N GLY B 100 3.01 17.99 32.00
CA GLY B 100 4.08 18.65 31.29
C GLY B 100 4.65 19.80 32.10
N GLU B 101 5.76 20.34 31.60
CA GLU B 101 6.44 21.49 32.17
C GLU B 101 6.60 22.54 31.09
N GLY B 102 6.10 23.74 31.36
CA GLY B 102 6.09 24.82 30.40
C GLY B 102 7.26 25.77 30.56
N TRP B 103 7.12 26.94 29.96
CA TRP B 103 8.14 27.97 30.10
C TRP B 103 8.18 28.46 31.54
N PHE B 104 9.39 28.75 32.01
CA PHE B 104 9.67 29.15 33.39
C PHE B 104 9.39 28.02 34.38
N GLY B 105 9.42 26.77 33.94
CA GLY B 105 9.15 25.65 34.82
C GLY B 105 7.70 25.48 35.23
N ARG B 106 6.79 26.28 34.71
CA ARG B 106 5.39 26.19 35.09
C ARG B 106 4.82 24.81 34.79
N PRO B 107 4.24 24.11 35.79
CA PRO B 107 3.54 22.86 35.49
C PRO B 107 2.33 23.11 34.59
N LEU B 108 2.08 22.16 33.69
CA LEU B 108 1.10 22.35 32.62
C LEU B 108 -0.22 21.62 32.86
N ARG B 109 -0.29 20.77 33.88
CA ARG B 109 -1.50 20.07 34.30
C ARG B 109 -1.90 18.97 33.32
N ALA B 110 -2.05 19.29 32.03
CA ALA B 110 -2.27 18.25 31.03
C ALA B 110 -1.11 17.25 31.01
N PHE B 111 -1.40 16.03 30.54
CA PHE B 111 -0.51 14.88 30.70
C PHE B 111 0.41 14.80 29.48
N GLU B 112 1.64 15.31 29.61
CA GLU B 112 2.59 15.30 28.50
C GLU B 112 3.43 14.02 28.44
N PHE B 113 3.71 13.39 29.57
CA PHE B 113 4.60 12.24 29.59
C PHE B 113 3.83 11.02 30.00
N TRP B 114 4.02 9.91 29.29
CA TRP B 114 3.20 8.71 29.49
C TRP B 114 4.09 7.47 29.59
N GLY B 115 3.72 6.56 30.49
CA GLY B 115 4.40 5.27 30.57
C GLY B 115 4.02 4.41 29.37
N GLN B 116 4.65 3.24 29.29
CA GLN B 116 4.36 2.36 28.15
C GLN B 116 3.06 1.58 28.33
N GLY B 117 2.43 1.67 29.49
CA GLY B 117 1.22 0.89 29.65
C GLY B 117 1.49 -0.44 30.34
N THR B 118 0.52 -0.89 31.14
CA THR B 118 0.58 -2.16 31.85
C THR B 118 -0.76 -2.86 31.67
N LEU B 119 -0.74 -4.01 30.99
CA LEU B 119 -1.95 -4.81 30.86
C LEU B 119 -2.29 -5.49 32.18
N VAL B 120 -3.49 -5.27 32.69
CA VAL B 120 -4.00 -6.02 33.86
C VAL B 120 -5.20 -6.83 33.43
N THR B 121 -5.12 -8.15 33.55
CA THR B 121 -6.22 -9.02 33.20
C THR B 121 -6.81 -9.61 34.47
N VAL B 122 -8.13 -9.48 34.64
CA VAL B 122 -8.82 -9.98 35.84
C VAL B 122 -9.79 -11.07 35.41
N SER B 123 -9.54 -12.30 35.86
CA SER B 123 -10.29 -13.45 35.36
C SER B 123 -10.08 -14.63 36.29
N THR B 124 -11.05 -15.55 36.30
CA THR B 124 -10.83 -16.84 36.95
C THR B 124 -10.05 -17.81 36.07
N ALA B 125 -9.88 -17.50 34.79
CA ALA B 125 -9.24 -18.44 33.87
C ALA B 125 -7.76 -18.64 34.22
N SER B 126 -7.24 -19.82 33.88
CA SER B 126 -5.83 -20.12 34.06
C SER B 126 -5.10 -19.97 32.72
N THR B 127 -3.82 -19.64 32.80
CA THR B 127 -3.03 -19.45 31.57
C THR B 127 -3.07 -20.71 30.71
N LYS B 128 -3.27 -20.54 29.41
CA LYS B 128 -3.50 -21.69 28.53
C LYS B 128 -3.14 -21.32 27.10
N GLY B 129 -2.40 -22.20 26.42
CA GLY B 129 -2.07 -21.99 25.02
C GLY B 129 -3.25 -22.24 24.11
N PRO B 130 -3.19 -21.71 22.88
CA PRO B 130 -4.29 -21.91 21.93
C PRO B 130 -4.21 -23.26 21.22
N SER B 131 -5.39 -23.78 20.91
CA SER B 131 -5.50 -24.70 19.79
C SER B 131 -5.48 -23.87 18.51
N VAL B 132 -4.91 -24.43 17.45
CA VAL B 132 -4.86 -23.74 16.16
C VAL B 132 -5.50 -24.64 15.12
N PHE B 133 -6.67 -24.24 14.62
CA PHE B 133 -7.42 -25.00 13.64
C PHE B 133 -7.38 -24.31 12.27
N PRO B 134 -7.35 -25.08 11.19
CA PRO B 134 -7.27 -24.48 9.85
C PRO B 134 -8.63 -23.97 9.38
N LEU B 135 -8.60 -22.83 8.69
CA LEU B 135 -9.73 -22.32 7.92
C LEU B 135 -9.37 -22.60 6.46
N ALA B 136 -9.74 -23.79 5.97
CA ALA B 136 -9.22 -24.27 4.69
C ALA B 136 -9.87 -23.51 3.54
N PRO B 137 -9.14 -23.28 2.45
CA PRO B 137 -9.73 -22.54 1.33
C PRO B 137 -10.92 -23.30 0.74
N SER B 138 -11.92 -22.54 0.28
CA SER B 138 -13.12 -23.13 -0.32
C SER B 138 -12.73 -24.12 -1.41
N SER B 139 -13.41 -25.28 -1.42
CA SER B 139 -13.20 -26.27 -2.47
C SER B 139 -13.64 -25.77 -3.84
N LYS B 140 -14.26 -24.60 -3.91
CA LYS B 140 -14.61 -23.96 -5.17
C LYS B 140 -13.66 -22.79 -5.44
N GLY B 145 -10.57 -14.91 -9.06
CA GLY B 145 -9.54 -15.94 -8.94
C GLY B 145 -8.85 -15.90 -7.59
N THR B 146 -9.55 -15.34 -6.61
CA THR B 146 -9.00 -15.15 -5.27
C THR B 146 -9.61 -16.16 -4.31
N ALA B 147 -8.75 -16.76 -3.48
CA ALA B 147 -9.18 -17.69 -2.46
C ALA B 147 -8.84 -17.13 -1.08
N ALA B 148 -9.70 -17.37 -0.10
CA ALA B 148 -9.43 -16.97 1.29
C ALA B 148 -9.17 -18.21 2.13
N LEU B 149 -8.10 -18.16 2.95
CA LEU B 149 -7.80 -19.23 3.89
C LEU B 149 -7.31 -18.61 5.19
N GLY B 150 -7.17 -19.41 6.24
CA GLY B 150 -6.76 -18.83 7.50
C GLY B 150 -6.57 -19.84 8.62
N CYS B 151 -6.40 -19.31 9.83
CA CYS B 151 -6.24 -20.12 11.03
CA CYS B 151 -6.32 -20.16 11.00
C CYS B 151 -7.11 -19.54 12.13
N LEU B 152 -7.76 -20.42 12.88
CA LEU B 152 -8.54 -20.06 14.05
C LEU B 152 -7.71 -20.39 15.28
N VAL B 153 -7.35 -19.35 16.04
CA VAL B 153 -6.50 -19.45 17.22
C VAL B 153 -7.44 -19.44 18.42
N LYS B 154 -7.75 -20.60 18.98
CA LYS B 154 -8.89 -20.73 19.86
C LYS B 154 -8.52 -21.11 21.29
N ASP B 155 -9.23 -20.50 22.25
CA ASP B 155 -9.22 -20.90 23.65
C ASP B 155 -7.85 -20.69 24.30
N TYR B 156 -7.29 -19.50 24.13
CA TYR B 156 -6.06 -19.18 24.85
C TYR B 156 -6.35 -18.17 25.96
N PHE B 157 -5.38 -18.02 26.87
CA PHE B 157 -5.52 -17.04 27.95
C PHE B 157 -4.16 -16.80 28.56
N PRO B 158 -3.81 -15.55 28.91
CA PRO B 158 -4.51 -14.30 28.60
C PRO B 158 -4.05 -13.77 27.25
N GLU B 159 -4.42 -12.54 26.91
CA GLU B 159 -3.80 -11.86 25.80
C GLU B 159 -2.32 -11.64 26.12
N PRO B 160 -1.46 -11.44 25.09
CA PRO B 160 -1.73 -11.44 23.65
C PRO B 160 -1.20 -12.68 22.93
N VAL B 161 -1.63 -12.87 21.68
CA VAL B 161 -0.98 -13.80 20.75
C VAL B 161 -0.51 -12.99 19.54
N THR B 162 0.51 -13.52 18.86
CA THR B 162 0.97 -12.99 17.58
C THR B 162 0.75 -14.06 16.52
N VAL B 163 0.42 -13.63 15.30
CA VAL B 163 0.29 -14.53 14.16
C VAL B 163 1.10 -13.96 13.00
N SER B 164 1.94 -14.79 12.40
CA SER B 164 2.52 -14.48 11.09
C SER B 164 2.15 -15.61 10.12
N TRP B 165 2.49 -15.39 8.84
CA TRP B 165 2.26 -16.36 7.78
C TRP B 165 3.57 -16.65 7.06
N ASN B 166 3.87 -17.94 6.88
CA ASN B 166 5.10 -18.41 6.22
C ASN B 166 6.33 -17.73 6.81
N SER B 167 6.38 -17.71 8.14
CA SER B 167 7.49 -17.16 8.92
C SER B 167 7.77 -15.70 8.57
N GLY B 168 6.71 -14.96 8.23
CA GLY B 168 6.82 -13.56 7.91
C GLY B 168 7.02 -13.26 6.45
N ALA B 169 7.22 -14.28 5.60
CA ALA B 169 7.38 -14.04 4.17
C ALA B 169 6.07 -13.62 3.50
N LEU B 170 4.92 -13.97 4.07
CA LEU B 170 3.63 -13.65 3.47
C LEU B 170 2.97 -12.54 4.29
N THR B 171 2.83 -11.36 3.70
CA THR B 171 2.24 -10.24 4.43
C THR B 171 1.07 -9.61 3.68
N SER B 172 1.13 -9.61 2.35
N SER B 172 1.12 -9.62 2.35
CA SER B 172 0.05 -9.03 1.56
CA SER B 172 0.05 -9.03 1.55
C SER B 172 -1.24 -9.84 1.73
C SER B 172 -1.24 -9.84 1.69
N GLY B 173 -2.36 -9.13 1.87
CA GLY B 173 -3.65 -9.77 2.01
C GLY B 173 -3.92 -10.41 3.36
N VAL B 174 -3.05 -10.23 4.34
CA VAL B 174 -3.23 -10.82 5.66
C VAL B 174 -4.11 -9.91 6.50
N HIS B 175 -5.12 -10.49 7.16
CA HIS B 175 -5.90 -9.79 8.18
C HIS B 175 -5.90 -10.65 9.43
N THR B 176 -5.27 -10.16 10.49
CA THR B 176 -5.30 -10.81 11.80
C THR B 176 -6.22 -9.97 12.67
N PHE B 177 -7.35 -10.57 13.07
CA PHE B 177 -8.44 -9.85 13.70
C PHE B 177 -8.21 -9.68 15.20
N PRO B 178 -8.79 -8.64 15.80
CA PRO B 178 -8.78 -8.54 17.27
C PRO B 178 -9.44 -9.76 17.89
N ALA B 179 -8.86 -10.27 18.97
CA ALA B 179 -9.47 -11.38 19.66
C ALA B 179 -10.81 -10.98 20.26
N VAL B 180 -11.65 -11.97 20.50
CA VAL B 180 -12.88 -11.79 21.27
C VAL B 180 -12.74 -12.62 22.52
N LEU B 181 -13.34 -12.13 23.61
CA LEU B 181 -13.40 -12.86 24.87
C LEU B 181 -14.67 -13.69 24.87
N GLN B 182 -14.52 -15.01 24.92
CA GLN B 182 -15.67 -15.88 24.90
C GLN B 182 -16.27 -16.00 26.29
N SER B 183 -17.49 -16.53 26.37
CA SER B 183 -18.16 -16.69 27.66
C SER B 183 -17.44 -17.71 28.54
N SER B 184 -16.61 -18.59 27.96
CA SER B 184 -15.76 -19.47 28.74
C SER B 184 -14.67 -18.75 29.52
N GLY B 185 -14.46 -17.45 29.30
CA GLY B 185 -13.30 -16.74 29.85
C GLY B 185 -12.05 -16.84 29.00
N LEU B 186 -12.09 -17.56 27.89
CA LEU B 186 -10.95 -17.77 27.02
C LEU B 186 -11.11 -16.95 25.75
N TYR B 187 -9.96 -16.57 25.17
CA TYR B 187 -9.94 -15.75 23.97
C TYR B 187 -9.87 -16.62 22.72
N SER B 188 -10.36 -16.07 21.62
CA SER B 188 -10.26 -16.70 20.30
C SER B 188 -10.03 -15.62 19.26
N LEU B 189 -9.20 -15.91 18.27
CA LEU B 189 -9.06 -14.95 17.18
C LEU B 189 -8.82 -15.70 15.90
N SER B 190 -9.09 -15.03 14.81
CA SER B 190 -8.85 -15.58 13.49
CA SER B 190 -8.82 -15.61 13.51
C SER B 190 -7.82 -14.73 12.76
N SER B 191 -7.07 -15.37 11.88
CA SER B 191 -6.15 -14.69 10.99
C SER B 191 -6.38 -15.29 9.62
N VAL B 192 -6.60 -14.43 8.63
CA VAL B 192 -6.91 -14.91 7.29
C VAL B 192 -5.97 -14.24 6.32
N VAL B 193 -5.89 -14.81 5.13
CA VAL B 193 -5.14 -14.20 4.05
C VAL B 193 -5.81 -14.60 2.74
N THR B 194 -5.85 -13.67 1.78
CA THR B 194 -6.38 -13.94 0.45
C THR B 194 -5.22 -14.13 -0.52
N VAL B 195 -5.25 -15.23 -1.27
CA VAL B 195 -4.14 -15.64 -2.14
C VAL B 195 -4.73 -16.02 -3.49
N PRO B 196 -3.91 -16.10 -4.54
CA PRO B 196 -4.44 -16.52 -5.85
C PRO B 196 -4.91 -17.96 -5.80
N SER B 197 -6.10 -18.21 -6.36
CA SER B 197 -6.65 -19.57 -6.36
C SER B 197 -5.69 -20.56 -6.99
N SER B 198 -5.02 -20.16 -8.08
CA SER B 198 -4.12 -21.06 -8.79
C SER B 198 -2.88 -21.44 -7.99
N SER B 199 -2.60 -20.74 -6.89
CA SER B 199 -1.46 -21.09 -6.05
C SER B 199 -1.79 -22.21 -5.08
N LEU B 200 -3.05 -22.68 -5.03
CA LEU B 200 -3.45 -23.55 -3.95
C LEU B 200 -2.85 -24.94 -4.09
N GLY B 201 -2.61 -25.39 -5.32
CA GLY B 201 -1.98 -26.68 -5.50
C GLY B 201 -0.47 -26.67 -5.35
N THR B 202 0.16 -25.50 -5.47
CA THR B 202 1.61 -25.40 -5.55
C THR B 202 2.27 -24.69 -4.37
N GLN B 203 1.58 -23.73 -3.74
CA GLN B 203 2.18 -22.95 -2.67
C GLN B 203 1.69 -23.45 -1.31
N THR B 204 2.62 -23.51 -0.36
CA THR B 204 2.30 -23.91 1.01
C THR B 204 2.01 -22.68 1.86
N TYR B 205 0.97 -22.78 2.69
CA TYR B 205 0.55 -21.69 3.57
C TYR B 205 0.54 -22.21 5.00
N ILE B 206 1.30 -21.54 5.86
CA ILE B 206 1.50 -21.98 7.25
C ILE B 206 1.36 -20.75 8.13
N CYS B 207 0.44 -20.81 9.08
CA CYS B 207 0.30 -19.74 10.06
CA CYS B 207 0.30 -19.73 10.05
C CYS B 207 1.17 -20.06 11.26
N ASN B 208 1.93 -19.06 11.72
CA ASN B 208 2.88 -19.19 12.83
C ASN B 208 2.29 -18.42 14.01
N VAL B 209 1.93 -19.15 15.06
CA VAL B 209 1.25 -18.59 16.23
C VAL B 209 2.21 -18.63 17.40
N ASN B 210 2.33 -17.51 18.12
CA ASN B 210 3.13 -17.45 19.34
C ASN B 210 2.26 -16.89 20.47
N HIS B 211 2.09 -17.69 21.53
CA HIS B 211 1.40 -17.24 22.74
C HIS B 211 2.47 -17.23 23.83
N LYS B 212 3.09 -16.06 24.02
CA LYS B 212 4.20 -15.98 24.96
C LYS B 212 3.78 -16.29 26.40
N PRO B 213 2.59 -15.89 26.91
CA PRO B 213 2.24 -16.24 28.29
C PRO B 213 2.35 -17.73 28.61
N SER B 214 1.96 -18.63 27.71
CA SER B 214 2.08 -20.06 27.98
C SER B 214 3.31 -20.67 27.32
N ASN B 215 4.16 -19.85 26.70
N ASN B 215 4.14 -19.84 26.69
CA ASN B 215 5.31 -20.34 25.94
CA ASN B 215 5.30 -20.30 25.92
C ASN B 215 4.87 -21.36 24.89
C ASN B 215 4.90 -21.33 24.87
N THR B 216 3.78 -21.07 24.19
CA THR B 216 3.24 -21.96 23.17
C THR B 216 3.50 -21.38 21.79
N LYS B 217 4.29 -22.09 20.98
CA LYS B 217 4.52 -21.74 19.58
C LYS B 217 3.95 -22.85 18.72
N VAL B 218 3.04 -22.51 17.81
CA VAL B 218 2.42 -23.50 16.92
C VAL B 218 2.54 -23.02 15.48
N ASP B 219 2.95 -23.93 14.60
CA ASP B 219 2.86 -23.76 13.14
C ASP B 219 1.77 -24.68 12.61
N LYS B 220 0.82 -24.12 11.85
CA LYS B 220 -0.27 -24.92 11.30
C LYS B 220 -0.28 -24.77 9.79
N LYS B 221 -0.09 -25.88 9.09
CA LYS B 221 -0.24 -25.90 7.64
C LYS B 221 -1.73 -25.94 7.32
N VAL B 222 -2.17 -25.04 6.45
CA VAL B 222 -3.57 -24.95 6.07
C VAL B 222 -3.68 -25.52 4.66
N GLU B 223 -4.37 -26.65 4.52
CA GLU B 223 -4.40 -27.31 3.22
C GLU B 223 -5.79 -27.25 2.59
N PRO B 224 -5.87 -27.34 1.27
CA PRO B 224 -7.20 -27.35 0.62
C PRO B 224 -8.10 -28.45 1.18
N LYS B 225 -9.38 -28.13 1.27
CA LYS B 225 -10.35 -29.03 1.87
C LYS B 225 -10.55 -30.23 0.96
N SER B 226 -10.75 -31.41 1.57
CA SER B 226 -10.84 -32.63 0.78
C SER B 226 -11.60 -33.69 1.56
N CYS B 227 -12.31 -34.55 0.83
CA CYS B 227 -13.00 -35.68 1.42
C CYS B 227 -13.23 -36.78 0.39
N GLU C 1 -7.44 8.79 -42.86
CA GLU C 1 -7.54 7.53 -42.16
C GLU C 1 -8.47 7.69 -40.96
N ILE C 2 -8.74 6.58 -40.27
CA ILE C 2 -9.67 6.59 -39.16
C ILE C 2 -8.88 6.84 -37.88
N VAL C 3 -9.13 7.98 -37.24
CA VAL C 3 -8.45 8.35 -36.01
C VAL C 3 -9.22 7.78 -34.83
N LEU C 4 -8.52 7.09 -33.93
CA LEU C 4 -9.13 6.55 -32.73
C LEU C 4 -8.68 7.37 -31.52
N THR C 5 -9.64 7.85 -30.75
CA THR C 5 -9.34 8.64 -29.56
C THR C 5 -9.85 7.87 -28.36
N GLN C 6 -8.95 7.52 -27.46
CA GLN C 6 -9.33 6.83 -26.24
C GLN C 6 -9.49 7.81 -25.09
N SER C 7 -10.36 7.48 -24.16
CA SER C 7 -10.53 8.24 -22.94
C SER C 7 -10.96 7.25 -21.85
N PRO C 8 -10.62 7.52 -20.59
CA PRO C 8 -9.73 8.58 -20.10
C PRO C 8 -8.31 8.36 -20.61
N GLY C 9 -7.43 9.36 -20.48
CA GLY C 9 -6.03 9.12 -20.82
C GLY C 9 -5.31 8.29 -19.77
N THR C 10 -5.41 8.71 -18.51
CA THR C 10 -4.85 7.98 -17.38
C THR C 10 -5.82 8.17 -16.22
N PHE C 11 -6.18 7.09 -15.52
CA PHE C 11 -7.07 7.22 -14.38
C PHE C 11 -6.86 6.04 -13.44
N ALA C 12 -7.42 6.16 -12.24
CA ALA C 12 -7.15 5.22 -11.18
C ALA C 12 -8.47 4.72 -10.61
N LEU C 13 -8.56 3.40 -10.40
CA LEU C 13 -9.70 2.74 -9.79
C LEU C 13 -9.19 1.72 -8.78
N SER C 14 -10.09 1.21 -7.93
CA SER C 14 -9.70 0.21 -6.94
C SER C 14 -10.12 -1.17 -7.38
N PRO C 15 -9.42 -2.21 -6.91
CA PRO C 15 -9.89 -3.58 -7.17
C PRO C 15 -11.34 -3.76 -6.75
N GLY C 16 -12.08 -4.54 -7.54
CA GLY C 16 -13.48 -4.76 -7.32
C GLY C 16 -14.40 -3.80 -8.06
N GLU C 17 -13.91 -2.62 -8.41
CA GLU C 17 -14.73 -1.67 -9.15
C GLU C 17 -14.81 -2.06 -10.62
N ARG C 18 -15.75 -1.44 -11.32
CA ARG C 18 -15.93 -1.65 -12.75
C ARG C 18 -15.21 -0.54 -13.51
N ALA C 19 -14.42 -0.92 -14.50
CA ALA C 19 -13.79 0.05 -15.38
C ALA C 19 -14.50 0.08 -16.73
N THR C 20 -14.74 1.27 -17.25
CA THR C 20 -15.23 1.44 -18.62
C THR C 20 -14.25 2.29 -19.41
N LEU C 21 -13.67 1.70 -20.44
CA LEU C 21 -12.71 2.38 -21.31
C LEU C 21 -13.36 2.68 -22.64
N SER C 22 -13.12 3.88 -23.16
CA SER C 22 -13.81 4.39 -24.35
C SER C 22 -12.83 4.50 -25.52
N CYS C 23 -13.34 4.25 -26.72
CA CYS C 23 -12.59 4.41 -27.97
C CYS C 23 -13.57 4.98 -28.98
N ARG C 24 -13.29 6.19 -29.47
CA ARG C 24 -14.18 6.86 -30.41
C ARG C 24 -13.45 7.05 -31.74
N ALA C 25 -14.12 6.73 -32.84
CA ALA C 25 -13.51 6.78 -34.17
C ALA C 25 -13.98 8.02 -34.92
N SER C 26 -13.08 8.59 -35.71
CA SER C 26 -13.40 9.78 -36.51
C SER C 26 -14.41 9.50 -37.60
N GLN C 27 -14.62 8.23 -37.97
CA GLN C 27 -15.61 7.85 -38.96
C GLN C 27 -15.96 6.39 -38.72
N SER C 28 -17.01 5.93 -39.39
CA SER C 28 -17.56 4.60 -39.07
C SER C 28 -16.53 3.51 -39.31
N VAL C 29 -16.41 2.61 -38.35
CA VAL C 29 -15.59 1.41 -38.50
C VAL C 29 -16.44 0.34 -39.18
N SER C 30 -15.86 -0.31 -40.20
CA SER C 30 -16.59 -1.27 -41.04
C SER C 30 -16.56 -2.68 -40.49
N GLY C 31 -17.70 -3.36 -40.56
CA GLY C 31 -17.81 -4.76 -40.22
C GLY C 31 -17.40 -5.15 -38.82
N GLY C 32 -17.71 -4.30 -37.83
CA GLY C 32 -17.36 -4.56 -36.44
C GLY C 32 -15.89 -4.81 -36.15
N ALA C 33 -15.00 -4.37 -37.03
CA ALA C 33 -13.58 -4.73 -36.98
C ALA C 33 -12.82 -3.82 -35.99
N LEU C 34 -13.13 -4.01 -34.71
CA LEU C 34 -12.51 -3.24 -33.64
C LEU C 34 -12.00 -4.21 -32.59
N ALA C 35 -10.73 -4.07 -32.22
CA ALA C 35 -10.09 -4.94 -31.24
C ALA C 35 -9.60 -4.14 -30.05
N TRP C 36 -9.42 -4.85 -28.93
CA TRP C 36 -8.82 -4.28 -27.73
C TRP C 36 -7.62 -5.11 -27.28
N TYR C 37 -6.56 -4.41 -26.87
CA TYR C 37 -5.33 -5.02 -26.37
C TYR C 37 -4.99 -4.49 -25.00
N GLN C 38 -4.36 -5.34 -24.20
CA GLN C 38 -3.78 -5.01 -22.90
C GLN C 38 -2.27 -5.07 -23.01
N GLN C 39 -1.57 -4.15 -22.36
CA GLN C 39 -0.11 -4.18 -22.40
C GLN C 39 0.49 -3.85 -21.04
N LYS C 40 1.41 -4.67 -20.59
CA LYS C 40 2.12 -4.40 -19.36
C LYS C 40 3.57 -4.06 -19.65
N ALA C 41 4.23 -3.48 -18.66
CA ALA C 41 5.59 -3.00 -18.84
C ALA C 41 6.50 -4.11 -19.36
N GLY C 42 7.21 -3.83 -20.44
CA GLY C 42 8.20 -4.74 -20.99
C GLY C 42 7.66 -5.86 -21.84
N GLN C 43 6.34 -5.97 -22.01
CA GLN C 43 5.74 -7.08 -22.73
C GLN C 43 5.11 -6.62 -24.04
N ALA C 44 4.83 -7.60 -24.90
CA ALA C 44 4.03 -7.33 -26.07
C ALA C 44 2.58 -7.11 -25.67
N PRO C 45 1.80 -6.41 -26.50
CA PRO C 45 0.36 -6.34 -26.25
C PRO C 45 -0.27 -7.71 -26.28
N ARG C 46 -1.39 -7.83 -25.57
CA ARG C 46 -2.16 -9.06 -25.45
C ARG C 46 -3.56 -8.80 -25.97
N LEU C 47 -3.98 -9.58 -26.96
CA LEU C 47 -5.34 -9.46 -27.50
C LEU C 47 -6.37 -9.85 -26.44
N LEU C 48 -7.32 -8.96 -26.17
CA LEU C 48 -8.47 -9.25 -25.32
C LEU C 48 -9.77 -9.44 -26.09
N ILE C 49 -10.12 -8.49 -26.96
CA ILE C 49 -11.41 -8.46 -27.64
C ILE C 49 -11.14 -8.31 -29.15
N TYR C 50 -11.87 -9.06 -29.97
CA TYR C 50 -11.80 -8.91 -31.42
C TYR C 50 -13.21 -8.80 -31.97
N GLY C 51 -13.33 -8.18 -33.15
CA GLY C 51 -14.66 -8.00 -33.75
C GLY C 51 -15.66 -7.35 -32.82
N THR C 52 -15.24 -6.30 -32.10
CA THR C 52 -16.04 -5.46 -31.20
C THR C 52 -16.35 -6.16 -29.88
N SER C 53 -16.80 -7.42 -29.93
CA SER C 53 -17.32 -8.08 -28.73
C SER C 53 -16.81 -9.50 -28.51
N GLY C 54 -16.01 -10.05 -29.43
CA GLY C 54 -15.52 -11.40 -29.26
C GLY C 54 -14.37 -11.48 -28.27
N ARG C 55 -14.43 -12.44 -27.36
CA ARG C 55 -13.42 -12.56 -26.33
C ARG C 55 -12.35 -13.54 -26.82
N ALA C 56 -11.09 -13.11 -26.79
CA ALA C 56 -10.03 -13.97 -27.30
C ALA C 56 -9.77 -15.13 -26.34
N THR C 57 -9.08 -16.15 -26.85
CA THR C 57 -8.87 -17.37 -26.06
C THR C 57 -8.11 -17.08 -24.78
N GLY C 58 -8.58 -17.64 -23.67
CA GLY C 58 -7.97 -17.41 -22.38
C GLY C 58 -8.24 -16.07 -21.74
N VAL C 59 -9.08 -15.24 -22.34
CA VAL C 59 -9.42 -13.94 -21.73
C VAL C 59 -10.59 -14.15 -20.77
N PRO C 60 -10.47 -13.72 -19.51
CA PRO C 60 -11.52 -14.01 -18.53
C PRO C 60 -12.82 -13.28 -18.81
N GLY C 61 -13.91 -13.84 -18.25
CA GLY C 61 -15.27 -13.38 -18.51
C GLY C 61 -15.57 -11.96 -18.07
N ARG C 62 -14.76 -11.39 -17.18
CA ARG C 62 -15.01 -10.03 -16.71
C ARG C 62 -14.64 -8.95 -17.74
N PHE C 63 -13.97 -9.32 -18.83
CA PHE C 63 -13.71 -8.41 -19.95
C PHE C 63 -14.83 -8.55 -20.98
N SER C 64 -15.44 -7.44 -21.37
CA SER C 64 -16.42 -7.53 -22.45
C SER C 64 -16.35 -6.25 -23.28
N GLY C 65 -16.46 -6.42 -24.60
CA GLY C 65 -16.41 -5.32 -25.54
C GLY C 65 -17.79 -5.05 -26.10
N SER C 66 -18.09 -3.77 -26.32
CA SER C 66 -19.31 -3.40 -27.01
C SER C 66 -19.04 -2.19 -27.90
N GLY C 67 -19.97 -1.92 -28.80
CA GLY C 67 -19.76 -0.79 -29.69
C GLY C 67 -20.83 -0.60 -30.74
N SER C 68 -20.98 0.64 -31.20
CA SER C 68 -21.70 0.93 -32.43
C SER C 68 -20.66 0.85 -33.55
N GLU C 69 -20.80 1.70 -34.58
CA GLU C 69 -19.76 1.83 -35.59
C GLU C 69 -18.75 2.94 -35.29
N THR C 70 -19.05 3.83 -34.33
CA THR C 70 -18.21 4.99 -34.05
C THR C 70 -17.74 5.09 -32.61
N ASP C 71 -18.42 4.43 -31.67
N ASP C 71 -18.43 4.45 -31.66
CA ASP C 71 -18.13 4.55 -30.24
CA ASP C 71 -18.12 4.55 -30.24
C ASP C 71 -18.10 3.16 -29.64
C ASP C 71 -18.09 3.15 -29.66
N PHE C 72 -16.94 2.78 -29.10
CA PHE C 72 -16.71 1.44 -28.57
C PHE C 72 -16.29 1.53 -27.11
N SER C 73 -16.59 0.48 -26.36
CA SER C 73 -16.27 0.40 -24.94
C SER C 73 -15.66 -0.94 -24.59
N LEU C 74 -14.65 -0.91 -23.73
CA LEU C 74 -14.13 -2.07 -23.05
C LEU C 74 -14.55 -1.97 -21.59
N THR C 75 -15.35 -2.93 -21.12
CA THR C 75 -15.82 -2.91 -19.75
C THR C 75 -15.11 -4.01 -18.97
N ILE C 76 -14.51 -3.66 -17.85
CA ILE C 76 -13.90 -4.63 -16.95
C ILE C 76 -14.73 -4.58 -15.67
N SER C 77 -15.51 -5.63 -15.42
CA SER C 77 -16.64 -5.51 -14.49
C SER C 77 -16.23 -5.55 -13.02
N ARG C 78 -15.16 -6.27 -12.67
CA ARG C 78 -14.74 -6.34 -11.26
C ARG C 78 -13.22 -6.44 -11.25
N LEU C 79 -12.56 -5.29 -11.19
CA LEU C 79 -11.11 -5.21 -11.41
C LEU C 79 -10.33 -6.09 -10.45
N GLU C 80 -9.39 -6.85 -10.99
CA GLU C 80 -8.40 -7.60 -10.25
CA GLU C 80 -8.40 -7.59 -10.24
C GLU C 80 -7.05 -6.89 -10.36
N PRO C 81 -6.13 -7.13 -9.42
CA PRO C 81 -4.83 -6.44 -9.49
C PRO C 81 -4.09 -6.63 -10.80
N GLU C 82 -4.25 -7.78 -11.45
CA GLU C 82 -3.56 -7.98 -12.72
C GLU C 82 -4.19 -7.21 -13.87
N ASP C 83 -5.29 -6.48 -13.65
CA ASP C 83 -5.93 -5.76 -14.74
C ASP C 83 -5.39 -4.33 -14.89
N PHE C 84 -4.61 -3.84 -13.94
CA PHE C 84 -4.12 -2.48 -14.05
C PHE C 84 -2.95 -2.47 -15.03
N ALA C 85 -3.13 -1.75 -16.13
CA ALA C 85 -2.27 -1.89 -17.30
C ALA C 85 -2.61 -0.77 -18.27
N VAL C 86 -1.99 -0.80 -19.45
CA VAL C 86 -2.31 0.10 -20.56
C VAL C 86 -3.19 -0.66 -21.54
N TYR C 87 -4.21 0.00 -22.06
CA TYR C 87 -5.17 -0.59 -22.99
C TYR C 87 -5.21 0.22 -24.28
N TYR C 88 -5.24 -0.49 -25.41
CA TYR C 88 -5.26 0.10 -26.75
C TYR C 88 -6.44 -0.48 -27.53
N CYS C 89 -7.11 0.37 -28.28
CA CYS C 89 -8.05 -0.09 -29.29
C CYS C 89 -7.40 0.00 -30.67
N GLN C 90 -7.96 -0.74 -31.62
CA GLN C 90 -7.43 -0.83 -32.98
C GLN C 90 -8.58 -1.16 -33.91
N GLN C 91 -8.71 -0.45 -35.03
CA GLN C 91 -9.64 -0.84 -36.08
C GLN C 91 -8.87 -1.41 -37.26
N TYR C 92 -9.46 -2.43 -37.88
CA TYR C 92 -8.92 -3.11 -39.05
C TYR C 92 -10.03 -3.39 -40.04
N GLY C 93 -11.05 -2.52 -40.08
CA GLY C 93 -12.11 -2.63 -41.04
C GLY C 93 -11.83 -1.95 -42.36
N THR C 94 -10.61 -1.43 -42.53
CA THR C 94 -10.19 -0.90 -43.82
C THR C 94 -8.71 -1.22 -43.92
N SER C 95 -8.15 -1.18 -45.12
CA SER C 95 -6.79 -1.66 -45.27
C SER C 95 -5.81 -0.86 -44.41
N GLN C 96 -6.07 0.41 -44.16
CA GLN C 96 -5.17 1.22 -43.35
C GLN C 96 -5.58 1.09 -41.88
N SER C 97 -5.01 0.11 -41.18
CA SER C 97 -5.35 -0.10 -39.78
C SER C 97 -4.74 1.00 -38.93
N THR C 98 -5.45 1.37 -37.85
CA THR C 98 -4.95 2.38 -36.92
C THR C 98 -5.23 1.92 -35.48
N PHE C 99 -4.43 2.48 -34.55
CA PHE C 99 -4.56 2.25 -33.11
C PHE C 99 -4.95 3.53 -32.39
N GLY C 100 -5.63 3.38 -31.24
CA GLY C 100 -5.83 4.50 -30.37
C GLY C 100 -4.55 4.85 -29.61
N GLN C 101 -4.57 5.98 -28.92
CA GLN C 101 -3.33 6.45 -28.27
C GLN C 101 -3.06 5.78 -26.92
N GLY C 102 -3.97 4.94 -26.42
CA GLY C 102 -3.76 4.21 -25.18
C GLY C 102 -4.43 4.82 -23.97
N THR C 103 -4.94 3.98 -23.07
CA THR C 103 -5.54 4.42 -21.81
C THR C 103 -4.83 3.67 -20.69
N ARG C 104 -4.21 4.39 -19.75
CA ARG C 104 -3.53 3.76 -18.63
C ARG C 104 -4.45 3.70 -17.41
N LEU C 105 -4.71 2.49 -16.95
CA LEU C 105 -5.58 2.24 -15.79
C LEU C 105 -4.69 1.87 -14.62
N GLU C 106 -4.62 2.77 -13.62
CA GLU C 106 -3.77 2.63 -12.45
C GLU C 106 -4.60 2.27 -11.22
N THR C 107 -3.91 1.77 -10.19
CA THR C 107 -4.55 1.33 -8.95
C THR C 107 -4.60 2.46 -7.93
N ARG C 108 -5.78 2.74 -7.42
CA ARG C 108 -5.92 3.78 -6.41
C ARG C 108 -5.49 3.26 -5.04
N ARG C 109 -4.87 4.12 -4.25
CA ARG C 109 -4.51 3.80 -2.87
C ARG C 109 -4.53 5.08 -2.07
N THR C 110 -4.25 4.96 -0.78
CA THR C 110 -4.21 6.14 0.07
C THR C 110 -3.06 7.07 -0.33
N VAL C 111 -3.25 8.36 -0.05
CA VAL C 111 -2.16 9.29 -0.21
C VAL C 111 -0.99 8.88 0.67
N ALA C 112 0.22 8.98 0.11
CA ALA C 112 1.45 8.65 0.83
C ALA C 112 2.47 9.72 0.52
N ALA C 113 3.05 10.31 1.56
CA ALA C 113 4.06 11.35 1.35
C ALA C 113 5.36 10.73 0.86
N PRO C 114 6.11 11.42 -0.01
CA PRO C 114 7.43 10.92 -0.38
C PRO C 114 8.41 11.01 0.79
N SER C 115 9.29 10.02 0.91
CA SER C 115 10.49 10.16 1.72
CA SER C 115 10.48 10.18 1.73
C SER C 115 11.57 10.73 0.81
N VAL C 116 12.17 11.84 1.22
CA VAL C 116 13.08 12.61 0.36
C VAL C 116 14.52 12.39 0.77
N PHE C 117 15.40 12.27 -0.23
CA PHE C 117 16.82 12.07 -0.02
C PHE C 117 17.58 12.87 -1.06
N ILE C 118 18.72 13.43 -0.66
CA ILE C 118 19.59 14.14 -1.60
C ILE C 118 20.98 13.54 -1.55
N PHE C 119 21.60 13.38 -2.73
CA PHE C 119 22.93 12.81 -2.85
C PHE C 119 23.86 13.78 -3.53
N PRO C 120 25.02 14.09 -2.93
CA PRO C 120 26.02 14.92 -3.60
C PRO C 120 26.63 14.19 -4.78
N PRO C 121 27.31 14.90 -5.67
CA PRO C 121 28.13 14.19 -6.66
C PRO C 121 29.28 13.46 -5.98
N SER C 122 29.57 12.27 -6.49
CA SER C 122 30.66 11.47 -5.93
C SER C 122 32.00 12.10 -6.27
N ASP C 123 32.97 11.87 -5.39
CA ASP C 123 34.35 12.26 -5.68
C ASP C 123 34.80 11.69 -7.02
N GLU C 124 34.36 10.46 -7.34
CA GLU C 124 34.77 9.84 -8.60
C GLU C 124 34.28 10.63 -9.81
N GLN C 125 33.00 11.01 -9.82
CA GLN C 125 32.48 11.78 -10.95
C GLN C 125 33.18 13.12 -11.07
N LEU C 126 33.41 13.80 -9.94
CA LEU C 126 34.05 15.12 -10.00
C LEU C 126 35.43 15.04 -10.63
N LYS C 127 36.11 13.90 -10.49
CA LYS C 127 37.42 13.74 -11.11
C LYS C 127 37.38 13.93 -12.62
N SER C 128 36.21 13.78 -13.25
CA SER C 128 36.07 14.06 -14.67
C SER C 128 35.91 15.56 -14.90
N GLY C 129 34.70 16.08 -14.77
CA GLY C 129 34.45 17.50 -15.00
C GLY C 129 33.00 17.91 -14.94
N THR C 130 32.12 16.96 -14.64
CA THR C 130 30.70 17.20 -14.45
C THR C 130 30.31 16.75 -13.05
N ALA C 131 29.30 17.42 -12.48
CA ALA C 131 28.74 17.05 -11.19
C ALA C 131 27.25 16.78 -11.35
N SER C 132 26.81 15.58 -10.99
CA SER C 132 25.40 15.27 -10.91
C SER C 132 24.96 15.27 -9.45
N VAL C 133 23.85 15.96 -9.16
CA VAL C 133 23.25 15.98 -7.83
C VAL C 133 21.87 15.37 -7.95
N VAL C 134 21.56 14.37 -7.12
CA VAL C 134 20.36 13.57 -7.31
C VAL C 134 19.45 13.76 -6.10
N CYS C 135 18.16 13.97 -6.38
CA CYS C 135 17.13 14.02 -5.35
C CYS C 135 16.16 12.88 -5.61
N LEU C 136 15.91 12.08 -4.58
CA LEU C 136 15.03 10.92 -4.66
C LEU C 136 13.77 11.21 -3.85
N LEU C 137 12.61 10.99 -4.46
CA LEU C 137 11.31 10.99 -3.78
C LEU C 137 10.84 9.55 -3.80
N ASN C 138 10.79 8.92 -2.63
CA ASN C 138 10.55 7.49 -2.59
C ASN C 138 9.13 7.18 -2.10
N ASN C 139 8.43 6.30 -2.84
CA ASN C 139 7.23 5.62 -2.35
C ASN C 139 6.11 6.60 -1.97
N PHE C 140 5.67 7.39 -2.94
CA PHE C 140 4.58 8.33 -2.70
C PHE C 140 3.39 8.02 -3.61
N TYR C 141 2.25 8.62 -3.26
CA TYR C 141 1.01 8.51 -4.03
C TYR C 141 0.14 9.71 -3.66
N PRO C 142 -0.48 10.40 -4.61
CA PRO C 142 -0.49 10.12 -6.07
C PRO C 142 0.75 10.59 -6.79
N ARG C 143 0.74 10.45 -8.12
CA ARG C 143 1.97 10.69 -8.89
C ARG C 143 2.36 12.17 -8.90
N GLU C 144 1.39 13.08 -8.86
CA GLU C 144 1.72 14.49 -9.00
C GLU C 144 2.60 14.95 -7.83
N ALA C 145 3.72 15.57 -8.18
CA ALA C 145 4.70 16.04 -7.22
C ALA C 145 5.47 17.18 -7.89
N LYS C 146 5.95 18.12 -7.09
CA LYS C 146 6.75 19.23 -7.61
C LYS C 146 8.11 19.22 -6.93
N VAL C 147 9.16 19.30 -7.73
CA VAL C 147 10.51 19.26 -7.20
C VAL C 147 11.22 20.53 -7.64
N GLN C 148 11.84 21.21 -6.69
CA GLN C 148 12.55 22.46 -6.96
C GLN C 148 13.97 22.37 -6.44
N TRP C 149 14.93 22.66 -7.31
CA TRP C 149 16.34 22.74 -6.95
C TRP C 149 16.72 24.16 -6.61
N LYS C 150 17.44 24.34 -5.51
CA LYS C 150 18.02 25.62 -5.14
C LYS C 150 19.51 25.43 -4.86
N VAL C 151 20.32 26.34 -5.37
CA VAL C 151 21.76 26.32 -5.18
C VAL C 151 22.12 27.66 -4.55
N ASP C 152 22.56 27.61 -3.28
CA ASP C 152 22.72 28.82 -2.46
C ASP C 152 21.44 29.67 -2.51
N ASN C 153 20.30 29.00 -2.34
CA ASN C 153 18.97 29.61 -2.32
C ASN C 153 18.54 30.19 -3.66
N ALA C 154 19.33 30.01 -4.73
CA ALA C 154 18.93 30.45 -6.06
C ALA C 154 18.15 29.34 -6.76
N LEU C 155 16.95 29.67 -7.22
CA LEU C 155 16.11 28.66 -7.85
C LEU C 155 16.66 28.29 -9.23
N GLN C 156 16.87 27.00 -9.47
CA GLN C 156 17.49 26.51 -10.70
C GLN C 156 16.43 26.21 -11.74
N SER C 157 16.75 26.49 -13.00
CA SER C 157 15.81 26.23 -14.08
C SER C 157 16.56 25.70 -15.30
N GLY C 158 16.07 24.58 -15.84
CA GLY C 158 16.55 24.10 -17.12
C GLY C 158 17.75 23.18 -17.09
N ASN C 159 18.23 22.79 -15.92
CA ASN C 159 19.42 21.96 -15.82
C ASN C 159 19.14 20.70 -14.99
N SER C 160 17.90 20.24 -14.99
CA SER C 160 17.54 19.02 -14.28
C SER C 160 16.58 18.17 -15.13
N GLN C 161 16.65 16.86 -14.93
CA GLN C 161 15.74 15.92 -15.59
C GLN C 161 15.16 14.99 -14.53
N GLU C 162 13.89 14.64 -14.69
N GLU C 162 13.89 14.64 -14.70
CA GLU C 162 13.23 13.71 -13.79
CA GLU C 162 13.19 13.74 -13.81
C GLU C 162 12.81 12.45 -14.52
C GLU C 162 12.83 12.44 -14.54
N SER C 163 12.74 11.34 -13.79
CA SER C 163 12.14 10.11 -14.30
C SER C 163 11.35 9.48 -13.17
N VAL C 164 10.29 8.76 -13.53
CA VAL C 164 9.35 8.23 -12.53
C VAL C 164 9.15 6.74 -12.78
N THR C 165 9.16 5.95 -11.73
CA THR C 165 8.85 4.54 -11.87
C THR C 165 7.37 4.33 -12.15
N GLU C 166 7.06 3.18 -12.76
CA GLU C 166 5.70 2.70 -12.82
C GLU C 166 5.21 2.39 -11.40
N GLN C 167 3.88 2.33 -11.24
CA GLN C 167 3.30 1.97 -9.95
C GLN C 167 3.91 0.67 -9.43
N ASP C 168 4.31 0.69 -8.16
CA ASP C 168 4.91 -0.48 -7.55
C ASP C 168 3.86 -1.59 -7.43
N SER C 169 4.28 -2.83 -7.72
CA SER C 169 3.28 -3.90 -7.73
C SER C 169 2.85 -4.29 -6.32
N LYS C 170 3.71 -4.10 -5.32
CA LYS C 170 3.35 -4.49 -3.96
C LYS C 170 2.66 -3.38 -3.17
N ASP C 171 3.03 -2.10 -3.35
CA ASP C 171 2.41 -1.07 -2.54
C ASP C 171 1.76 0.06 -3.33
N SER C 172 1.77 0.00 -4.66
CA SER C 172 1.04 0.93 -5.53
C SER C 172 1.52 2.37 -5.39
N THR C 173 2.76 2.59 -4.93
CA THR C 173 3.32 3.93 -4.91
C THR C 173 4.20 4.17 -6.15
N TYR C 174 4.58 5.43 -6.31
CA TYR C 174 5.53 5.87 -7.32
C TYR C 174 6.82 6.26 -6.62
N SER C 175 7.90 6.28 -7.38
CA SER C 175 9.13 6.89 -6.92
C SER C 175 9.68 7.76 -8.04
N LEU C 176 10.43 8.79 -7.65
CA LEU C 176 10.87 9.79 -8.63
C LEU C 176 12.32 10.18 -8.35
N SER C 177 13.11 10.29 -9.41
CA SER C 177 14.45 10.85 -9.30
C SER C 177 14.50 12.14 -10.11
N SER C 178 15.14 13.16 -9.55
CA SER C 178 15.45 14.38 -10.26
C SER C 178 16.96 14.57 -10.18
N THR C 179 17.59 14.78 -11.33
CA THR C 179 19.04 14.86 -11.45
C THR C 179 19.41 16.25 -11.92
N LEU C 180 20.17 16.97 -11.10
CA LEU C 180 20.66 18.30 -11.42
C LEU C 180 22.08 18.19 -11.94
N THR C 181 22.31 18.65 -13.17
CA THR C 181 23.61 18.52 -13.81
C THR C 181 24.27 19.91 -13.88
N LEU C 182 25.43 20.03 -13.24
CA LEU C 182 26.22 21.25 -13.22
C LEU C 182 27.61 20.92 -13.72
N SER C 183 28.30 21.93 -14.25
CA SER C 183 29.73 21.78 -14.48
C SER C 183 30.44 21.69 -13.13
N LYS C 184 31.62 21.06 -13.13
CA LYS C 184 32.35 20.92 -11.87
C LYS C 184 32.75 22.28 -11.32
N ALA C 185 33.17 23.20 -12.20
CA ALA C 185 33.52 24.54 -11.76
C ALA C 185 32.33 25.23 -11.08
N ASP C 186 31.15 25.12 -11.68
CA ASP C 186 29.96 25.72 -11.07
C ASP C 186 29.61 25.02 -9.77
N TYR C 187 29.76 23.69 -9.70
CA TYR C 187 29.52 22.97 -8.45
C TYR C 187 30.48 23.45 -7.37
N GLU C 188 31.76 23.57 -7.70
CA GLU C 188 32.77 24.00 -6.74
C GLU C 188 32.57 25.44 -6.28
N LYS C 189 31.77 26.22 -7.02
CA LYS C 189 31.57 27.65 -6.82
C LYS C 189 30.50 27.97 -5.78
N HIS C 190 29.69 26.99 -5.37
CA HIS C 190 28.58 27.21 -4.44
C HIS C 190 28.66 26.22 -3.28
N LYS C 191 27.88 26.48 -2.24
CA LYS C 191 27.93 25.66 -1.03
C LYS C 191 26.65 24.89 -0.72
N VAL C 192 25.50 25.55 -0.70
CA VAL C 192 24.26 24.91 -0.26
C VAL C 192 23.50 24.35 -1.47
N TYR C 193 23.23 23.04 -1.45
CA TYR C 193 22.47 22.37 -2.49
C TYR C 193 21.24 21.75 -1.86
N ALA C 194 20.06 22.12 -2.37
CA ALA C 194 18.82 21.75 -1.72
C ALA C 194 17.79 21.34 -2.76
N CYS C 195 17.01 20.33 -2.42
CA CYS C 195 15.86 19.96 -3.23
CA CYS C 195 15.87 19.87 -3.20
C CYS C 195 14.61 20.09 -2.36
N GLU C 196 13.63 20.80 -2.90
CA GLU C 196 12.40 21.15 -2.19
C GLU C 196 11.24 20.45 -2.88
N VAL C 197 10.42 19.75 -2.09
CA VAL C 197 9.42 18.84 -2.64
C VAL C 197 8.04 19.26 -2.14
N THR C 198 7.08 19.39 -3.06
CA THR C 198 5.69 19.67 -2.73
C THR C 198 4.83 18.47 -3.13
N HIS C 199 3.91 18.08 -2.26
CA HIS C 199 3.11 16.88 -2.52
C HIS C 199 1.90 16.90 -1.60
N GLN C 200 0.79 16.30 -2.09
CA GLN C 200 -0.44 16.29 -1.32
C GLN C 200 -0.27 15.74 0.09
N GLY C 201 0.65 14.80 0.29
CA GLY C 201 0.84 14.21 1.60
C GLY C 201 1.72 15.00 2.55
N LEU C 202 2.26 16.13 2.10
CA LEU C 202 3.10 17.00 2.91
C LEU C 202 2.32 18.29 3.21
N SER C 203 2.13 18.59 4.51
CA SER C 203 1.34 19.77 4.84
C SER C 203 2.06 21.05 4.46
N SER C 204 3.39 21.02 4.36
CA SER C 204 4.16 22.10 3.76
C SER C 204 5.38 21.48 3.11
N PRO C 205 5.96 22.13 2.09
CA PRO C 205 7.01 21.47 1.31
C PRO C 205 8.19 21.04 2.18
N VAL C 206 8.81 19.93 1.78
CA VAL C 206 9.96 19.37 2.50
C VAL C 206 11.21 19.74 1.72
N THR C 207 12.28 20.13 2.43
CA THR C 207 13.55 20.47 1.80
C THR C 207 14.65 19.61 2.39
N LYS C 208 15.44 18.96 1.54
CA LYS C 208 16.65 18.27 1.95
C LYS C 208 17.84 18.98 1.33
N SER C 209 18.90 19.18 2.11
CA SER C 209 20.07 19.89 1.61
C SER C 209 21.34 19.27 2.15
N PHE C 210 22.44 19.66 1.52
CA PHE C 210 23.77 19.36 2.02
C PHE C 210 24.63 20.56 1.70
N ASN C 211 25.71 20.71 2.46
CA ASN C 211 26.70 21.75 2.23
C ASN C 211 27.93 21.08 1.65
N ARG C 212 28.28 21.45 0.42
CA ARG C 212 29.42 20.86 -0.27
C ARG C 212 30.68 20.90 0.57
N GLY C 213 31.30 19.74 0.75
CA GLY C 213 32.55 19.66 1.47
C GLY C 213 32.44 19.53 2.97
N GLU C 214 31.24 19.49 3.54
CA GLU C 214 31.08 19.32 4.98
C GLU C 214 31.13 17.84 5.36
N LYS D 1 1.69 -23.96 -28.70
CA LYS D 1 0.89 -23.12 -29.58
C LYS D 1 1.77 -22.33 -30.55
N VAL D 2 1.18 -21.37 -31.25
CA VAL D 2 1.93 -20.51 -32.16
C VAL D 2 2.91 -19.66 -31.37
N GLN D 3 4.18 -19.67 -31.78
CA GLN D 3 5.20 -18.83 -31.15
C GLN D 3 5.92 -18.04 -32.22
N LEU D 4 6.17 -16.76 -31.96
CA LEU D 4 6.93 -15.89 -32.86
C LEU D 4 8.19 -15.45 -32.14
N VAL D 5 9.35 -15.69 -32.75
CA VAL D 5 10.63 -15.32 -32.15
C VAL D 5 11.34 -14.40 -33.12
N GLN D 6 11.69 -13.20 -32.65
CA GLN D 6 12.31 -12.19 -33.49
C GLN D 6 13.81 -12.15 -33.29
N SER D 7 14.49 -11.52 -34.24
CA SER D 7 15.93 -11.32 -34.20
C SER D 7 16.29 -10.26 -33.14
N GLY D 8 17.59 -10.14 -32.83
CA GLY D 8 18.04 -9.35 -31.70
C GLY D 8 18.10 -7.86 -32.02
N ALA D 9 18.44 -7.07 -30.99
CA ALA D 9 18.43 -5.62 -31.09
C ALA D 9 19.37 -5.12 -32.18
N GLU D 10 19.04 -3.95 -32.74
CA GLU D 10 19.78 -3.35 -33.83
C GLU D 10 20.19 -1.94 -33.44
N LEU D 11 21.38 -1.51 -33.87
CA LEU D 11 21.84 -0.12 -33.73
C LEU D 11 22.21 0.40 -35.10
N LYS D 12 21.65 1.55 -35.51
CA LYS D 12 21.80 2.06 -36.86
C LYS D 12 22.05 3.57 -36.83
N LYS D 13 22.84 4.04 -37.79
CA LYS D 13 23.04 5.47 -38.03
C LYS D 13 21.87 6.00 -38.84
N PRO D 14 21.60 7.31 -38.79
CA PRO D 14 20.55 7.85 -39.65
C PRO D 14 20.91 7.59 -41.11
N TRP D 15 19.88 7.38 -41.93
CA TRP D 15 19.94 7.16 -43.37
C TRP D 15 20.43 5.76 -43.72
N SER D 16 20.56 4.86 -42.74
CA SER D 16 20.78 3.45 -43.00
C SER D 16 19.45 2.73 -43.19
N SER D 17 19.51 1.40 -43.23
CA SER D 17 18.36 0.53 -43.26
C SER D 17 18.53 -0.54 -42.19
N VAL D 18 17.42 -1.19 -41.85
CA VAL D 18 17.41 -2.25 -40.85
C VAL D 18 16.51 -3.38 -41.35
N ARG D 19 16.89 -4.60 -41.01
CA ARG D 19 16.10 -5.79 -41.29
C ARG D 19 15.87 -6.56 -40.00
N VAL D 20 14.61 -6.90 -39.73
CA VAL D 20 14.20 -7.63 -38.53
C VAL D 20 13.45 -8.88 -39.00
N SER D 21 13.73 -10.02 -38.38
CA SER D 21 13.08 -11.26 -38.76
C SER D 21 12.18 -11.77 -37.63
N CYS D 22 11.25 -12.64 -38.01
CA CYS D 22 10.21 -13.14 -37.13
C CYS D 22 9.93 -14.57 -37.56
N LYS D 23 10.46 -15.53 -36.81
CA LYS D 23 10.33 -16.95 -37.11
C LYS D 23 9.11 -17.52 -36.39
N ALA D 24 8.16 -18.03 -37.17
CA ALA D 24 6.95 -18.62 -36.60
C ALA D 24 7.10 -20.12 -36.44
N SER D 25 6.53 -20.65 -35.36
CA SER D 25 6.54 -22.09 -35.14
C SER D 25 5.26 -22.50 -34.45
N GLY D 26 4.99 -23.80 -34.45
CA GLY D 26 3.89 -24.36 -33.68
C GLY D 26 2.51 -24.11 -34.24
N GLY D 27 2.41 -23.71 -35.50
CA GLY D 27 1.11 -23.42 -36.10
C GLY D 27 1.26 -23.22 -37.59
N SER D 28 0.14 -22.94 -38.24
CA SER D 28 0.13 -22.73 -39.68
C SER D 28 0.69 -21.35 -40.02
N PHE D 29 1.33 -21.26 -41.19
CA PHE D 29 2.09 -20.07 -41.56
C PHE D 29 1.50 -19.34 -42.76
N SER D 30 1.35 -20.02 -43.91
CA SER D 30 1.25 -19.29 -45.18
C SER D 30 -0.09 -18.57 -45.34
N SER D 31 -1.19 -19.23 -44.87
CA SER D 31 -2.53 -18.70 -45.12
C SER D 31 -3.03 -17.75 -44.03
N TYR D 32 -2.15 -17.22 -43.17
CA TYR D 32 -2.54 -16.28 -42.15
C TYR D 32 -1.74 -14.99 -42.30
N ALA D 33 -2.32 -13.89 -41.84
CA ALA D 33 -1.68 -12.59 -42.00
C ALA D 33 -0.70 -12.34 -40.87
N PHE D 34 0.50 -11.93 -41.25
CA PHE D 34 1.53 -11.47 -40.31
C PHE D 34 1.66 -9.96 -40.45
N ASN D 35 1.74 -9.26 -39.32
CA ASN D 35 1.80 -7.80 -39.31
C ASN D 35 3.01 -7.34 -38.50
N TRP D 36 3.44 -6.11 -38.75
CA TRP D 36 4.46 -5.43 -37.95
C TRP D 36 3.87 -4.17 -37.32
N VAL D 37 4.19 -4.00 -36.02
CA VAL D 37 3.71 -2.92 -35.16
C VAL D 37 4.92 -2.38 -34.40
N ARG D 38 5.09 -1.06 -34.35
CA ARG D 38 6.18 -0.55 -33.54
C ARG D 38 5.68 0.34 -32.40
N GLN D 39 6.58 0.61 -31.45
CA GLN D 39 6.23 1.41 -30.30
C GLN D 39 7.48 2.15 -29.84
N ALA D 40 7.48 3.46 -30.04
CA ALA D 40 8.55 4.29 -29.52
C ALA D 40 8.43 4.37 -27.99
N PRO D 41 9.54 4.60 -27.27
CA PRO D 41 9.49 4.49 -25.80
C PRO D 41 8.46 5.44 -25.19
N GLY D 42 7.56 4.86 -24.40
CA GLY D 42 6.50 5.61 -23.74
C GLY D 42 5.38 6.08 -24.65
N GLN D 43 5.39 5.67 -25.93
CA GLN D 43 4.40 6.10 -26.92
C GLN D 43 3.44 4.96 -27.28
N ARG D 44 2.54 5.27 -28.21
CA ARG D 44 1.49 4.37 -28.67
C ARG D 44 2.00 3.34 -29.68
N LEU D 45 1.17 2.32 -29.89
CA LEU D 45 1.41 1.32 -30.92
C LEU D 45 1.14 1.95 -32.29
N GLU D 46 1.94 1.57 -33.27
CA GLU D 46 1.82 2.09 -34.62
C GLU D 46 1.96 0.94 -35.60
N TRP D 47 0.88 0.67 -36.34
CA TRP D 47 0.92 -0.39 -37.33
C TRP D 47 1.76 0.02 -38.53
N LEU D 48 2.63 -0.87 -38.99
CA LEU D 48 3.53 -0.59 -40.10
C LEU D 48 3.08 -1.24 -41.40
N GLY D 49 2.53 -2.44 -41.32
CA GLY D 49 2.14 -3.16 -42.52
C GLY D 49 2.00 -4.64 -42.22
N GLY D 50 1.61 -5.38 -43.25
CA GLY D 50 1.41 -6.80 -43.09
C GLY D 50 1.68 -7.52 -44.39
N ILE D 51 1.71 -8.86 -44.30
CA ILE D 51 1.85 -9.74 -45.46
C ILE D 51 0.98 -10.97 -45.28
N VAL D 52 0.45 -11.49 -46.39
CA VAL D 52 -0.12 -12.83 -46.43
C VAL D 52 0.83 -13.69 -47.24
N PRO D 53 1.61 -14.59 -46.62
CA PRO D 53 2.69 -15.26 -47.37
C PRO D 53 2.19 -16.10 -48.53
N LEU D 54 1.09 -16.83 -48.34
CA LEU D 54 0.66 -17.78 -49.37
C LEU D 54 0.54 -17.12 -50.73
N VAL D 55 -0.05 -15.93 -50.78
CA VAL D 55 -0.30 -15.26 -52.05
C VAL D 55 0.61 -14.05 -52.26
N SER D 56 1.63 -13.90 -51.40
CA SER D 56 2.60 -12.81 -51.47
C SER D 56 1.94 -11.43 -51.63
N SER D 57 1.01 -11.13 -50.73
CA SER D 57 0.29 -9.86 -50.77
C SER D 57 0.70 -9.03 -49.55
N THR D 58 1.17 -7.81 -49.80
CA THR D 58 1.54 -6.90 -48.71
C THR D 58 0.58 -5.73 -48.66
N ASN D 59 0.57 -5.07 -47.50
CA ASN D 59 -0.29 -3.92 -47.26
C ASN D 59 0.48 -3.01 -46.32
N TYR D 60 0.86 -1.82 -46.76
CA TYR D 60 1.73 -0.98 -45.95
C TYR D 60 0.97 0.25 -45.45
N ALA D 61 1.34 0.69 -44.24
CA ALA D 61 0.81 1.91 -43.67
C ALA D 61 1.24 3.13 -44.47
N GLN D 62 0.29 4.04 -44.70
CA GLN D 62 0.51 5.13 -45.65
C GLN D 62 1.68 6.02 -45.22
N ARG D 63 1.84 6.25 -43.93
CA ARG D 63 2.90 7.16 -43.49
C ARG D 63 4.29 6.57 -43.73
N PHE D 64 4.38 5.26 -43.96
CA PHE D 64 5.65 4.58 -44.17
C PHE D 64 5.83 4.10 -45.60
N ARG D 65 4.90 4.40 -46.50
CA ARG D 65 5.01 3.95 -47.88
C ARG D 65 6.33 4.41 -48.48
N GLY D 66 7.03 3.49 -49.12
CA GLY D 66 8.31 3.81 -49.70
C GLY D 66 9.48 3.59 -48.77
N ARG D 67 9.24 3.39 -47.48
CA ARG D 67 10.32 3.05 -46.54
C ARG D 67 10.21 1.67 -45.93
N VAL D 68 9.06 0.98 -46.05
CA VAL D 68 8.81 -0.31 -45.42
C VAL D 68 8.56 -1.38 -46.48
N THR D 69 9.26 -2.51 -46.36
CA THR D 69 9.08 -3.69 -47.18
C THR D 69 8.90 -4.88 -46.24
N ILE D 70 7.92 -5.73 -46.51
CA ILE D 70 7.71 -6.94 -45.72
C ILE D 70 7.75 -8.13 -46.66
N SER D 71 8.48 -9.16 -46.27
CA SER D 71 8.58 -10.33 -47.14
C SER D 71 8.43 -11.57 -46.27
N ALA D 72 8.33 -12.72 -46.91
CA ALA D 72 8.15 -13.96 -46.17
C ALA D 72 8.92 -15.06 -46.86
N ASP D 73 9.45 -15.97 -46.06
CA ASP D 73 10.11 -17.19 -46.55
C ASP D 73 9.26 -18.37 -46.07
N ARG D 74 8.48 -18.96 -46.98
CA ARG D 74 7.56 -20.02 -46.56
C ARG D 74 8.31 -21.28 -46.14
N SER D 75 9.50 -21.49 -46.69
CA SER D 75 10.25 -22.72 -46.38
C SER D 75 10.84 -22.69 -44.98
N THR D 76 11.13 -21.51 -44.45
CA THR D 76 11.60 -21.38 -43.07
C THR D 76 10.53 -20.78 -42.16
N SER D 77 9.32 -20.57 -42.68
CA SER D 77 8.21 -19.93 -41.96
C SER D 77 8.66 -18.68 -41.19
N THR D 78 9.34 -17.79 -41.92
CA THR D 78 9.89 -16.56 -41.36
C THR D 78 9.38 -15.35 -42.14
N VAL D 79 8.98 -14.29 -41.42
CA VAL D 79 8.60 -13.01 -42.01
CA VAL D 79 8.65 -13.02 -42.07
C VAL D 79 9.70 -12.00 -41.69
N TYR D 80 9.87 -11.02 -42.59
CA TYR D 80 10.93 -10.03 -42.48
C TYR D 80 10.34 -8.63 -42.59
N LEU D 81 10.91 -7.71 -41.83
CA LEU D 81 10.63 -6.29 -41.97
C LEU D 81 11.93 -5.61 -42.39
N GLU D 82 11.87 -4.83 -43.46
CA GLU D 82 12.96 -3.95 -43.85
C GLU D 82 12.47 -2.52 -43.80
N MET D 83 13.24 -1.64 -43.17
CA MET D 83 12.87 -0.23 -43.09
C MET D 83 14.07 0.61 -43.47
N THR D 84 13.86 1.58 -44.35
CA THR D 84 14.98 2.35 -44.91
C THR D 84 14.83 3.82 -44.56
N GLY D 85 15.80 4.62 -45.00
CA GLY D 85 15.77 6.05 -44.69
C GLY D 85 15.62 6.32 -43.21
N LEU D 86 16.32 5.56 -42.38
CA LEU D 86 16.06 5.61 -40.94
C LEU D 86 16.43 6.98 -40.38
N THR D 87 15.64 7.46 -39.42
CA THR D 87 16.00 8.63 -38.62
C THR D 87 15.74 8.33 -37.16
N SER D 88 16.18 9.25 -36.29
CA SER D 88 16.01 9.02 -34.85
C SER D 88 14.55 8.81 -34.46
N ALA D 89 13.61 9.38 -35.21
CA ALA D 89 12.19 9.14 -34.96
C ALA D 89 11.79 7.67 -35.13
N ASP D 90 12.67 6.83 -35.71
CA ASP D 90 12.36 5.42 -35.88
C ASP D 90 12.86 4.56 -34.72
N THR D 91 13.51 5.17 -33.73
CA THR D 91 13.89 4.43 -32.54
C THR D 91 12.64 3.93 -31.82
N ALA D 92 12.58 2.62 -31.59
CA ALA D 92 11.34 1.99 -31.19
C ALA D 92 11.58 0.49 -30.97
N VAL D 93 10.66 -0.14 -30.26
CA VAL D 93 10.58 -1.60 -30.25
C VAL D 93 9.65 -2.02 -31.37
N TYR D 94 10.13 -2.93 -32.22
CA TYR D 94 9.39 -3.42 -33.38
C TYR D 94 8.86 -4.80 -33.05
N PHE D 95 7.56 -5.00 -33.24
CA PHE D 95 6.93 -6.27 -32.96
C PHE D 95 6.37 -6.88 -34.24
N CYS D 96 6.54 -8.18 -34.38
CA CYS D 96 5.78 -8.93 -35.35
CA CYS D 96 5.82 -8.99 -35.35
C CYS D 96 4.60 -9.59 -34.66
N ALA D 97 3.52 -9.77 -35.42
CA ALA D 97 2.32 -10.34 -34.84
C ALA D 97 1.57 -11.12 -35.91
N ARG D 98 0.89 -12.18 -35.50
CA ARG D 98 0.04 -12.94 -36.41
C ARG D 98 -1.42 -12.86 -35.99
N GLU D 99 -2.31 -12.83 -36.99
CA GLU D 99 -3.73 -12.80 -36.68
C GLU D 99 -4.14 -14.09 -35.99
N GLY D 100 -5.20 -14.01 -35.21
CA GLY D 100 -5.71 -15.17 -34.52
C GLY D 100 -6.49 -16.10 -35.42
N GLU D 101 -6.88 -17.21 -34.83
CA GLU D 101 -7.55 -18.31 -35.52
C GLU D 101 -8.67 -18.80 -34.61
N GLY D 102 -9.90 -18.81 -35.13
CA GLY D 102 -11.06 -19.20 -34.34
C GLY D 102 -11.61 -20.56 -34.71
N TRP D 103 -12.91 -20.73 -34.51
CA TRP D 103 -13.54 -22.02 -34.75
C TRP D 103 -13.34 -22.46 -36.19
N PHE D 104 -12.96 -23.73 -36.36
CA PHE D 104 -12.77 -24.37 -37.67
C PHE D 104 -11.71 -23.65 -38.52
N GLY D 105 -10.83 -22.89 -37.88
CA GLY D 105 -9.70 -22.28 -38.54
C GLY D 105 -9.90 -20.87 -39.04
N ARG D 106 -11.08 -20.26 -38.85
CA ARG D 106 -11.36 -18.96 -39.45
C ARG D 106 -10.35 -17.93 -38.97
N PRO D 107 -9.67 -17.23 -39.86
CA PRO D 107 -8.77 -16.14 -39.42
C PRO D 107 -9.58 -15.05 -38.71
N LEU D 108 -8.95 -14.46 -37.70
CA LEU D 108 -9.62 -13.46 -36.87
C LEU D 108 -9.20 -12.03 -37.17
N ARG D 109 -8.20 -11.83 -38.03
CA ARG D 109 -7.74 -10.50 -38.44
C ARG D 109 -7.02 -9.75 -37.33
N ALA D 110 -7.64 -9.61 -36.14
CA ALA D 110 -6.96 -8.99 -35.00
C ALA D 110 -5.73 -9.82 -34.59
N PHE D 111 -4.81 -9.19 -33.85
CA PHE D 111 -3.46 -9.75 -33.67
C PHE D 111 -3.40 -10.57 -32.38
N GLU D 112 -3.46 -11.89 -32.50
CA GLU D 112 -3.49 -12.72 -31.30
C GLU D 112 -2.11 -13.16 -30.83
N PHE D 113 -1.17 -13.40 -31.73
CA PHE D 113 0.13 -13.95 -31.37
C PHE D 113 1.19 -12.89 -31.64
N TRP D 114 2.04 -12.63 -30.66
CA TRP D 114 3.04 -11.58 -30.79
C TRP D 114 4.43 -12.13 -30.54
N GLY D 115 5.40 -11.60 -31.27
CA GLY D 115 6.80 -11.84 -30.95
C GLY D 115 7.23 -11.07 -29.70
N GLN D 116 8.49 -11.28 -29.32
CA GLN D 116 8.95 -10.68 -28.07
C GLN D 116 9.35 -9.20 -28.24
N GLY D 117 9.47 -8.71 -29.47
CA GLY D 117 9.90 -7.34 -29.68
C GLY D 117 11.39 -7.26 -30.02
N THR D 118 11.74 -6.28 -30.85
CA THR D 118 13.13 -6.02 -31.19
C THR D 118 13.39 -4.53 -31.05
N LEU D 119 14.37 -4.16 -30.22
CA LEU D 119 14.73 -2.74 -30.12
C LEU D 119 15.57 -2.35 -31.32
N VAL D 120 15.17 -1.29 -32.02
CA VAL D 120 15.97 -0.64 -33.04
C VAL D 120 16.26 0.79 -32.56
N THR D 121 17.54 1.10 -32.35
CA THR D 121 17.96 2.45 -32.01
C THR D 121 18.63 3.10 -33.22
N VAL D 122 18.20 4.32 -33.53
CA VAL D 122 18.75 5.09 -34.66
C VAL D 122 19.33 6.38 -34.08
N SER D 123 20.63 6.57 -34.29
CA SER D 123 21.34 7.67 -33.62
C SER D 123 22.71 7.81 -34.25
N THR D 124 23.25 9.04 -34.21
CA THR D 124 24.65 9.28 -34.55
C THR D 124 25.60 8.83 -33.47
N ALA D 125 25.12 8.55 -32.26
CA ALA D 125 26.00 8.23 -31.15
C ALA D 125 26.71 6.90 -31.38
N SER D 126 27.82 6.70 -30.65
CA SER D 126 28.57 5.45 -30.68
C SER D 126 28.37 4.66 -29.40
N THR D 127 28.33 3.33 -29.52
CA THR D 127 28.22 2.45 -28.38
C THR D 127 29.24 2.81 -27.30
N LYS D 128 28.75 3.01 -26.07
CA LYS D 128 29.62 3.40 -24.96
C LYS D 128 29.04 2.81 -23.68
N GLY D 129 29.88 2.16 -22.89
CA GLY D 129 29.47 1.66 -21.60
C GLY D 129 29.27 2.78 -20.58
N PRO D 130 28.56 2.49 -19.49
CA PRO D 130 28.31 3.50 -18.47
C PRO D 130 29.49 3.76 -17.54
N SER D 131 29.56 5.00 -17.08
CA SER D 131 30.23 5.29 -15.82
C SER D 131 29.25 5.06 -14.69
N VAL D 132 29.70 4.42 -13.60
CA VAL D 132 28.82 4.03 -12.50
C VAL D 132 29.34 4.70 -11.25
N PHE D 133 28.56 5.62 -10.72
CA PHE D 133 28.94 6.43 -9.58
C PHE D 133 28.09 6.09 -8.37
N PRO D 134 28.67 6.04 -7.18
CA PRO D 134 27.85 5.79 -5.98
C PRO D 134 26.94 6.96 -5.66
N LEU D 135 25.73 6.62 -5.19
CA LEU D 135 24.86 7.55 -4.47
C LEU D 135 24.96 7.15 -3.01
N ALA D 136 25.87 7.80 -2.27
CA ALA D 136 26.27 7.31 -0.96
C ALA D 136 25.18 7.59 0.08
N PRO D 137 25.02 6.72 1.08
CA PRO D 137 23.99 6.96 2.09
C PRO D 137 24.37 8.12 3.00
N SER D 138 23.34 8.78 3.52
CA SER D 138 23.51 9.84 4.51
C SER D 138 23.85 9.25 5.90
N SER D 143 21.16 6.26 15.63
CA SER D 143 21.75 7.18 14.67
C SER D 143 20.87 7.36 13.44
N GLY D 144 19.84 6.52 13.31
CA GLY D 144 18.91 6.66 12.20
C GLY D 144 17.89 5.55 12.19
N GLY D 145 17.07 5.56 11.13
CA GLY D 145 16.04 4.57 10.89
C GLY D 145 16.14 3.94 9.51
N THR D 146 15.74 4.66 8.45
CA THR D 146 15.81 4.17 7.07
C THR D 146 16.75 5.04 6.25
N ALA D 147 17.68 4.39 5.53
CA ALA D 147 18.63 5.11 4.71
C ALA D 147 18.40 4.76 3.24
N ALA D 148 18.73 5.70 2.36
CA ALA D 148 18.68 5.49 0.93
C ALA D 148 20.10 5.49 0.35
N LEU D 149 20.35 4.58 -0.57
CA LEU D 149 21.61 4.60 -1.30
C LEU D 149 21.31 4.12 -2.71
N GLY D 150 22.30 4.24 -3.59
CA GLY D 150 22.05 3.85 -4.96
C GLY D 150 23.29 3.98 -5.81
N CYS D 151 23.07 3.82 -7.13
CA CYS D 151 24.11 3.97 -8.13
CA CYS D 151 24.13 4.02 -8.10
C CYS D 151 23.57 4.79 -9.28
N LEU D 152 24.39 5.72 -9.78
CA LEU D 152 24.08 6.56 -10.92
C LEU D 152 24.79 5.97 -12.14
N VAL D 153 24.00 5.51 -13.12
CA VAL D 153 24.53 4.79 -14.28
C VAL D 153 24.48 5.75 -15.47
N LYS D 154 25.59 6.43 -15.73
CA LYS D 154 25.59 7.64 -16.56
C LYS D 154 26.33 7.45 -17.88
N ASP D 155 25.77 8.06 -18.93
CA ASP D 155 26.45 8.24 -20.21
C ASP D 155 26.75 6.92 -20.89
N TYR D 156 25.72 6.10 -21.10
CA TYR D 156 25.86 4.87 -21.84
C TYR D 156 25.00 4.95 -23.09
N PHE D 157 25.33 4.09 -24.06
CA PHE D 157 24.57 4.09 -25.31
C PHE D 157 24.86 2.79 -26.05
N PRO D 158 23.86 2.14 -26.67
CA PRO D 158 22.43 2.46 -26.60
C PRO D 158 21.77 1.84 -25.35
N GLU D 159 20.45 1.89 -25.29
CA GLU D 159 19.73 1.06 -24.33
C GLU D 159 19.91 -0.40 -24.73
N PRO D 160 19.73 -1.35 -23.80
CA PRO D 160 19.36 -1.20 -22.41
C PRO D 160 20.52 -1.49 -21.46
N VAL D 161 20.28 -1.24 -20.17
N VAL D 161 20.34 -1.14 -20.18
CA VAL D 161 21.21 -1.59 -19.10
CA VAL D 161 21.18 -1.63 -19.11
C VAL D 161 20.42 -2.22 -17.98
C VAL D 161 20.30 -2.43 -18.16
N THR D 162 20.93 -3.32 -17.42
CA THR D 162 20.30 -3.97 -16.29
C THR D 162 21.06 -3.59 -15.02
N VAL D 163 20.32 -3.46 -13.93
CA VAL D 163 20.93 -3.21 -12.63
C VAL D 163 20.35 -4.22 -11.64
N SER D 164 21.21 -4.90 -10.91
CA SER D 164 20.83 -5.69 -9.76
C SER D 164 21.58 -5.19 -8.52
N TRP D 165 21.15 -5.62 -7.34
CA TRP D 165 21.82 -5.32 -6.09
C TRP D 165 22.27 -6.61 -5.43
N ASN D 166 23.53 -6.65 -5.00
CA ASN D 166 24.11 -7.79 -4.29
C ASN D 166 23.87 -9.08 -5.06
N SER D 167 24.11 -9.00 -6.38
CA SER D 167 24.05 -10.14 -7.31
C SER D 167 22.64 -10.72 -7.38
N GLY D 168 21.63 -9.91 -7.09
CA GLY D 168 20.24 -10.31 -7.17
C GLY D 168 19.63 -10.81 -5.88
N ALA D 169 20.41 -10.83 -4.78
CA ALA D 169 19.87 -11.26 -3.50
C ALA D 169 19.07 -10.16 -2.81
N LEU D 170 19.35 -8.90 -3.13
CA LEU D 170 18.61 -7.76 -2.58
C LEU D 170 17.67 -7.23 -3.67
N THR D 171 16.36 -7.36 -3.43
CA THR D 171 15.35 -6.93 -4.38
C THR D 171 14.32 -6.04 -3.69
N SER D 172 14.10 -6.29 -2.40
N SER D 172 14.10 -6.29 -2.40
CA SER D 172 13.15 -5.50 -1.64
CA SER D 172 13.12 -5.51 -1.66
C SER D 172 13.59 -4.04 -1.59
C SER D 172 13.58 -4.06 -1.57
N GLY D 173 12.67 -3.13 -1.88
CA GLY D 173 12.95 -1.71 -1.80
C GLY D 173 13.79 -1.14 -2.93
N VAL D 174 14.11 -1.92 -3.96
CA VAL D 174 14.91 -1.42 -5.07
C VAL D 174 14.02 -0.66 -6.04
N HIS D 175 14.48 0.50 -6.50
CA HIS D 175 13.83 1.21 -7.61
C HIS D 175 14.88 1.56 -8.64
N THR D 176 14.71 1.05 -9.86
CA THR D 176 15.59 1.37 -10.99
C THR D 176 14.80 2.21 -11.97
N PHE D 177 15.21 3.44 -12.14
CA PHE D 177 14.38 4.38 -12.87
C PHE D 177 14.55 4.22 -14.37
N PRO D 178 13.52 4.62 -15.14
CA PRO D 178 13.68 4.66 -16.61
C PRO D 178 14.81 5.60 -16.98
N ALA D 179 15.57 5.19 -17.98
CA ALA D 179 16.63 6.04 -18.50
C ALA D 179 16.05 7.30 -19.13
N VAL D 180 16.82 8.37 -19.06
N VAL D 180 16.82 8.38 -19.02
CA VAL D 180 16.53 9.61 -19.76
CA VAL D 180 16.57 9.62 -19.75
C VAL D 180 17.60 9.84 -20.81
C VAL D 180 17.60 9.70 -20.86
N LEU D 181 17.19 10.23 -22.01
CA LEU D 181 18.11 10.54 -23.09
C LEU D 181 18.59 11.97 -22.89
N GLN D 182 19.89 12.13 -22.60
CA GLN D 182 20.44 13.45 -22.37
C GLN D 182 20.70 14.14 -23.71
N SER D 183 20.94 15.46 -23.65
CA SER D 183 21.20 16.19 -24.89
C SER D 183 22.48 15.74 -25.56
N SER D 184 23.39 15.10 -24.83
CA SER D 184 24.57 14.54 -25.45
C SER D 184 24.27 13.37 -26.39
N GLY D 185 23.05 12.85 -26.38
CA GLY D 185 22.77 11.63 -27.11
C GLY D 185 23.02 10.36 -26.33
N LEU D 186 23.46 10.48 -25.07
CA LEU D 186 23.77 9.37 -24.20
C LEU D 186 22.68 9.26 -23.13
N TYR D 187 22.43 8.03 -22.67
CA TYR D 187 21.42 7.79 -21.64
C TYR D 187 22.03 7.83 -20.25
N SER D 188 21.16 8.00 -19.26
CA SER D 188 21.54 7.98 -17.86
C SER D 188 20.35 7.53 -17.04
N LEU D 189 20.62 6.79 -15.97
CA LEU D 189 19.58 6.40 -15.02
C LEU D 189 20.23 6.20 -13.66
N SER D 190 19.38 6.20 -12.62
CA SER D 190 19.77 5.82 -11.28
CA SER D 190 19.77 5.82 -11.28
C SER D 190 19.03 4.57 -10.84
N SER D 191 19.66 3.80 -9.97
CA SER D 191 19.03 2.71 -9.28
C SER D 191 19.23 2.94 -7.78
N VAL D 192 18.17 2.82 -7.00
CA VAL D 192 18.24 3.14 -5.58
C VAL D 192 17.64 2.00 -4.77
N VAL D 193 17.97 1.98 -3.48
CA VAL D 193 17.38 1.04 -2.53
C VAL D 193 17.34 1.70 -1.16
N THR D 194 16.29 1.45 -0.42
CA THR D 194 16.22 1.86 0.99
C THR D 194 16.48 0.66 1.87
N VAL D 195 17.26 0.88 2.93
CA VAL D 195 17.70 -0.16 3.86
C VAL D 195 17.67 0.41 5.28
N PRO D 196 17.69 -0.47 6.30
CA PRO D 196 17.84 0.03 7.67
C PRO D 196 19.19 0.71 7.85
N SER D 197 19.16 1.91 8.44
CA SER D 197 20.39 2.66 8.67
C SER D 197 21.42 1.83 9.42
N SER D 198 20.98 1.05 10.42
CA SER D 198 21.88 0.22 11.21
C SER D 198 22.63 -0.81 10.38
N SER D 199 22.11 -1.15 9.20
CA SER D 199 22.78 -2.15 8.37
C SER D 199 23.98 -1.59 7.61
N LEU D 200 24.13 -0.26 7.55
CA LEU D 200 25.26 0.32 6.83
C LEU D 200 26.61 -0.01 7.46
N GLY D 201 26.64 -0.31 8.75
CA GLY D 201 27.91 -0.63 9.38
C GLY D 201 28.18 -2.11 9.45
N THR D 202 27.20 -2.94 9.09
CA THR D 202 27.34 -4.37 9.24
C THR D 202 27.29 -5.15 7.93
N GLN D 203 27.13 -4.49 6.78
CA GLN D 203 27.18 -5.16 5.49
C GLN D 203 27.49 -4.13 4.39
N THR D 204 27.88 -4.65 3.23
CA THR D 204 28.15 -3.84 2.04
C THR D 204 27.02 -4.00 1.03
N TYR D 205 26.61 -2.91 0.41
CA TYR D 205 25.67 -2.94 -0.69
C TYR D 205 26.41 -2.69 -2.00
N ILE D 206 26.13 -3.50 -3.01
CA ILE D 206 26.86 -3.51 -4.28
C ILE D 206 25.84 -3.51 -5.42
N CYS D 207 25.95 -2.54 -6.33
CA CYS D 207 25.09 -2.52 -7.51
CA CYS D 207 25.09 -2.52 -7.50
C CYS D 207 25.83 -3.18 -8.66
N ASN D 208 25.14 -4.08 -9.34
CA ASN D 208 25.71 -4.84 -10.47
C ASN D 208 25.09 -4.30 -11.76
N VAL D 209 25.91 -3.65 -12.59
CA VAL D 209 25.46 -3.00 -13.82
C VAL D 209 25.97 -3.83 -15.00
N ASN D 210 25.07 -4.16 -15.93
CA ASN D 210 25.46 -4.90 -17.13
C ASN D 210 24.91 -4.14 -18.34
N HIS D 211 25.81 -3.66 -19.19
CA HIS D 211 25.47 -3.01 -20.45
C HIS D 211 25.93 -3.94 -21.57
N LYS D 212 25.06 -4.87 -21.96
CA LYS D 212 25.44 -5.86 -22.95
C LYS D 212 25.90 -5.28 -24.29
N PRO D 213 25.34 -4.17 -24.80
CA PRO D 213 25.81 -3.67 -26.11
C PRO D 213 27.29 -3.35 -26.15
N SER D 214 27.88 -2.89 -25.06
CA SER D 214 29.31 -2.63 -24.96
C SER D 214 30.06 -3.73 -24.20
N ASN D 215 29.38 -4.79 -23.78
CA ASN D 215 29.98 -5.84 -22.95
C ASN D 215 30.64 -5.24 -21.70
N THR D 216 29.97 -4.29 -21.08
CA THR D 216 30.47 -3.64 -19.87
C THR D 216 29.69 -4.18 -18.68
N LYS D 217 30.39 -4.83 -17.75
CA LYS D 217 29.87 -5.22 -16.44
C LYS D 217 30.65 -4.45 -15.39
N VAL D 218 29.94 -3.82 -14.46
CA VAL D 218 30.54 -3.10 -13.34
C VAL D 218 29.84 -3.55 -12.06
N ASP D 219 30.62 -3.84 -11.01
CA ASP D 219 30.10 -4.06 -9.66
C ASP D 219 30.61 -2.90 -8.80
N LYS D 220 29.73 -2.02 -8.36
CA LYS D 220 30.15 -0.85 -7.59
C LYS D 220 29.71 -1.00 -6.14
N LYS D 221 30.68 -1.05 -5.23
CA LYS D 221 30.37 -1.00 -3.80
C LYS D 221 29.96 0.41 -3.41
N VAL D 222 28.83 0.55 -2.74
CA VAL D 222 28.31 1.86 -2.37
C VAL D 222 28.55 2.04 -0.88
N GLU D 223 29.64 2.64 -0.55
CA GLU D 223 30.09 2.71 0.84
C GLU D 223 29.61 4.00 1.50
N PRO D 224 29.42 4.01 2.82
CA PRO D 224 29.00 5.25 3.48
C PRO D 224 30.01 6.36 3.25
N LYS D 225 29.51 7.59 3.15
CA LYS D 225 30.36 8.75 2.91
C LYS D 225 31.08 9.16 4.20
N SER D 226 32.28 9.70 4.04
CA SER D 226 33.12 10.06 5.19
C SER D 226 33.09 11.56 5.49
N ASN E 1 -9.40 23.27 42.99
CA ASN E 1 -9.02 22.32 41.93
C ASN E 1 -7.67 21.67 42.24
N TRP E 2 -7.69 20.37 42.49
CA TRP E 2 -6.47 19.61 42.77
C TRP E 2 -5.44 19.75 41.64
N PHE E 3 -5.90 19.89 40.40
CA PHE E 3 -4.94 20.01 39.31
C PHE E 3 -4.17 21.34 39.33
N ASP E 4 -4.56 22.28 40.19
CA ASP E 4 -3.80 23.52 40.38
C ASP E 4 -2.75 23.46 41.51
N ILE E 5 -2.61 22.35 42.22
CA ILE E 5 -1.71 22.33 43.39
C ILE E 5 -0.26 22.57 42.96
N THR E 6 0.20 21.91 41.89
CA THR E 6 1.62 22.08 41.56
C THR E 6 1.90 23.49 41.04
N ASN E 7 0.93 24.16 40.42
CA ASN E 7 1.14 25.57 40.07
C ASN E 7 1.28 26.44 41.31
N TRP E 8 0.49 26.18 42.37
CA TRP E 8 0.67 26.94 43.61
C TRP E 8 2.03 26.66 44.26
N LEU E 9 2.49 25.40 44.26
CA LEU E 9 3.84 25.11 44.72
C LEU E 9 4.88 25.88 43.91
N TRP E 10 4.77 25.84 42.58
CA TRP E 10 5.68 26.58 41.72
C TRP E 10 5.61 28.08 41.99
N TYR E 11 4.40 28.61 42.16
CA TYR E 11 4.25 30.03 42.46
C TYR E 11 4.85 30.40 43.81
N ILE E 12 4.58 29.57 44.82
CA ILE E 12 5.04 29.88 46.18
C ILE E 12 6.55 29.78 46.26
N LYS E 13 7.15 28.85 45.52
CA LYS E 13 8.60 28.73 45.52
C LYS E 13 9.24 29.88 44.75
N LYS E 14 8.65 30.24 43.61
CA LYS E 14 9.19 31.33 42.81
C LYS E 14 8.97 32.67 43.49
N LYS E 15 7.92 32.80 44.31
CA LYS E 15 7.58 34.07 44.94
C LYS E 15 8.70 34.57 45.84
N LYS E 16 9.23 33.70 46.69
CA LYS E 16 10.17 34.13 47.72
C LYS E 16 11.23 33.07 48.00
N ASN F 1 -10.92 -4.57 -48.38
CA ASN F 1 -10.16 -4.59 -47.12
C ASN F 1 -9.11 -5.68 -47.20
N TRP F 2 -7.84 -5.28 -47.20
CA TRP F 2 -6.76 -6.26 -47.20
C TRP F 2 -6.87 -7.22 -46.02
N PHE F 3 -7.37 -6.77 -44.87
CA PHE F 3 -7.51 -7.69 -43.74
C PHE F 3 -8.55 -8.77 -43.96
N ASP F 4 -9.29 -8.76 -45.06
CA ASP F 4 -10.23 -9.82 -45.38
C ASP F 4 -9.66 -10.89 -46.31
N ILE F 5 -8.37 -10.81 -46.68
CA ILE F 5 -7.87 -11.73 -47.69
C ILE F 5 -7.77 -13.15 -47.11
N THR F 6 -7.32 -13.29 -45.87
CA THR F 6 -7.16 -14.66 -45.37
C THR F 6 -8.51 -15.31 -45.12
N ASN F 7 -9.54 -14.51 -44.85
CA ASN F 7 -10.90 -15.04 -44.75
C ASN F 7 -11.38 -15.56 -46.09
N TRP F 8 -11.01 -14.89 -47.19
CA TRP F 8 -11.34 -15.40 -48.52
C TRP F 8 -10.58 -16.69 -48.81
N LEU F 9 -9.29 -16.75 -48.43
CA LEU F 9 -8.53 -17.99 -48.61
C LEU F 9 -9.15 -19.12 -47.80
N TRP F 10 -9.59 -18.83 -46.59
CA TRP F 10 -10.18 -19.86 -45.75
C TRP F 10 -11.50 -20.34 -46.34
N TYR F 11 -12.29 -19.42 -46.87
CA TYR F 11 -13.60 -19.77 -47.42
C TYR F 11 -13.50 -20.66 -48.66
N ILE F 12 -12.59 -20.33 -49.58
CA ILE F 12 -12.55 -21.11 -50.81
C ILE F 12 -11.94 -22.49 -50.58
N LYS F 13 -11.11 -22.62 -49.53
CA LYS F 13 -10.49 -23.91 -49.24
C LYS F 13 -11.50 -24.92 -48.71
N LYS F 14 -12.42 -24.49 -47.87
CA LYS F 14 -13.43 -25.39 -47.31
C LYS F 14 -14.78 -24.88 -47.81
N LYS F 15 -15.20 -25.39 -48.97
CA LYS F 15 -16.41 -24.94 -49.63
C LYS F 15 -17.16 -26.12 -50.25
N LYS F 16 -17.18 -26.16 -51.57
CA LYS F 16 -17.91 -27.20 -52.31
C LYS F 16 -16.96 -28.01 -53.19
#